data_6ILO
#
_entry.id   6ILO
#
_cell.length_a   1.0
_cell.length_b   1.0
_cell.length_c   1.0
_cell.angle_alpha   90.00
_cell.angle_beta   90.00
_cell.angle_gamma   90.00
#
_symmetry.space_group_name_H-M   'P 1'
#
loop_
_entity.id
_entity.type
_entity.pdbx_description
1 polymer 'Capsid protein VP1'
2 polymer 'Capsid protein VP2'
3 polymer 'Capsid protein VP3'
#
loop_
_entity_poly.entity_id
_entity_poly.type
_entity_poly.pdbx_seq_one_letter_code
_entity_poly.pdbx_strand_id
1 'polypeptide(L)'
;HVRSESSVENFLSRSACVYIVEYKTRDDTPDKMYDSWVINTRQVAQLRRKLEFFTYVRFDVEVTFVITSVQDDSTRQNTD
TPALTHQIMYVPPGGPIPQAVDDYNWQTSTNPSVFWTEGNAPPRMSIPFMSVGNAYSNFYDGWSHFSQTGVYGFNTLNNM
GKLYFRHVNDKTISPITSKVRIYFKPKHVKAWVPRPPRLCEYTHKDNVDFEPKGVTTSRTQLTISNS
;
A
2 'polypeptide(L)'
;SDRVRSITLGNSTITTQESANVVVGYGVWPDYLSDEEATAEDQPTQPDVATCRFYTLDSVSWMKESQGWWWKFPDALRDM
GLFGQNMQYHYLGRSGYTIHVQCNASKFHQGCLLVVCVPEAEMGAANINEKINREHLSNGEVANTFSGTKSSNTNDVQQA
VFNAGMGVAVGNLTIFPHQWINLRTNNCATIVMPYINSVPMDNMFRHYNFTLMIIPFAKLDYAAGSSTYIPITVTVAPMC
AEYNGLRLG
;
B
3 'polypeptide(L)'
;GLPVMNTPGSNQFLTSDDYQSPTAMPQFDVTPEMNIPGEVKNLMEIAEVDSVVPVNNVNENVNSLEAYRIPVHSVTETGA
QVFGFTLQPGADTVMERTLLGEILNYYANWSGSIKLTFMYCGSAMATGKFLLAYSPPGAGVPKNRREAMLGTHIIWDIGL
QSSCVLCVPWISQTHYRFVSKDSYTDAGFITCWYQTSIVVPAEVQNQSVILCFVSACNDFSVRLLRDSPFVRQT
;
C
#
# COMPACT_ATOMS: atom_id res chain seq x y z
N HIS A 1 -11.54 23.11 -8.14
CA HIS A 1 -11.59 22.18 -9.25
C HIS A 1 -10.37 22.35 -10.15
N VAL A 2 -9.22 21.90 -9.68
CA VAL A 2 -7.97 22.02 -10.43
C VAL A 2 -7.29 20.66 -10.62
N ARG A 3 -7.07 19.92 -9.52
CA ARG A 3 -6.43 18.59 -9.50
C ARG A 3 -5.06 18.57 -10.19
N SER A 4 -4.33 19.67 -10.10
CA SER A 4 -2.97 19.75 -10.61
C SER A 4 -1.93 19.59 -9.52
N GLU A 5 -2.36 19.51 -8.27
CA GLU A 5 -1.47 19.34 -7.14
C GLU A 5 -1.63 17.95 -6.53
N SER A 6 -2.58 17.18 -7.01
CA SER A 6 -2.65 15.76 -6.70
C SER A 6 -1.89 14.93 -7.71
N SER A 7 -1.02 15.53 -8.52
CA SER A 7 -0.21 14.75 -9.43
C SER A 7 0.84 13.97 -8.64
N VAL A 8 1.39 12.94 -9.27
CA VAL A 8 2.44 12.18 -8.60
C VAL A 8 3.70 13.02 -8.47
N GLU A 9 4.01 13.82 -9.49
CA GLU A 9 5.21 14.64 -9.42
C GLU A 9 5.02 15.86 -8.51
N ASN A 10 3.80 16.37 -8.35
CA ASN A 10 3.59 17.44 -7.38
C ASN A 10 3.39 16.92 -5.96
N PHE A 11 3.73 15.67 -5.71
CA PHE A 11 3.50 15.01 -4.43
C PHE A 11 4.80 14.39 -3.98
N LEU A 12 5.64 13.99 -4.93
CA LEU A 12 6.88 13.33 -4.59
C LEU A 12 8.13 14.10 -4.98
N SER A 13 8.05 15.05 -5.90
CA SER A 13 9.27 15.74 -6.37
C SER A 13 9.52 16.99 -5.53
N ARG A 14 9.85 16.76 -4.25
CA ARG A 14 10.19 17.85 -3.35
C ARG A 14 11.42 17.49 -2.54
N SER A 15 12.23 18.50 -2.25
CA SER A 15 13.51 18.27 -1.58
C SER A 15 13.31 17.99 -0.11
N ALA A 16 14.20 17.19 0.45
CA ALA A 16 14.10 16.82 1.85
C ALA A 16 15.47 16.43 2.36
N CYS A 17 15.86 16.97 3.52
CA CYS A 17 17.10 16.56 4.16
C CYS A 17 16.98 15.11 4.62
N VAL A 18 17.85 14.24 4.13
CA VAL A 18 17.75 12.82 4.40
C VAL A 18 18.82 12.30 5.34
N TYR A 19 19.99 12.95 5.41
CA TYR A 19 21.08 12.43 6.23
C TYR A 19 22.08 13.54 6.52
N ILE A 20 22.70 13.47 7.69
CA ILE A 20 23.72 14.42 8.12
C ILE A 20 25.04 13.65 8.21
N VAL A 21 26.10 14.20 7.62
CA VAL A 21 27.38 13.52 7.49
C VAL A 21 28.45 14.35 8.20
N GLU A 22 28.95 13.84 9.32
CA GLU A 22 29.95 14.53 10.12
C GLU A 22 31.33 13.93 9.89
N TYR A 23 32.32 14.80 9.66
CA TYR A 23 33.70 14.38 9.47
C TYR A 23 34.61 15.55 9.80
N LYS A 24 35.85 15.21 10.20
CA LYS A 24 36.80 16.19 10.69
C LYS A 24 37.94 16.34 9.70
N THR A 25 38.96 17.13 10.08
CA THR A 25 40.12 17.34 9.24
C THR A 25 41.43 17.00 9.93
N ARG A 26 41.40 16.65 11.21
CA ARG A 26 42.60 16.28 11.94
C ARG A 26 42.18 15.43 13.13
N ASP A 27 42.58 14.16 13.13
CA ASP A 27 42.29 13.26 14.25
C ASP A 27 43.45 12.32 14.45
N ASP A 28 43.22 11.33 15.31
CA ASP A 28 44.08 10.16 15.48
C ASP A 28 43.40 8.87 15.08
N THR A 29 42.11 8.74 15.36
CA THR A 29 41.34 7.62 14.82
C THR A 29 41.13 7.86 13.33
N PRO A 30 41.66 7.01 12.46
CA PRO A 30 41.72 7.34 11.03
C PRO A 30 40.43 7.15 10.26
N ASP A 31 39.29 6.96 10.92
CA ASP A 31 38.01 6.84 10.23
C ASP A 31 37.02 7.92 10.61
N LYS A 32 37.36 8.81 11.53
CA LYS A 32 36.54 9.97 11.82
C LYS A 32 36.88 11.16 10.95
N MET A 33 37.74 10.97 9.96
CA MET A 33 38.08 12.01 9.00
C MET A 33 37.29 11.86 7.71
N TYR A 34 36.29 10.99 7.72
CA TYR A 34 35.45 10.80 6.55
C TYR A 34 34.19 10.07 6.98
N ASP A 35 33.22 9.95 6.09
CA ASP A 35 31.94 9.32 6.37
C ASP A 35 31.27 9.04 5.02
N SER A 36 30.20 8.25 5.05
CA SER A 36 29.55 7.79 3.82
C SER A 36 28.04 7.73 3.99
N TRP A 37 27.35 7.42 2.90
CA TRP A 37 25.90 7.21 2.93
C TRP A 37 25.49 6.30 1.79
N VAL A 38 24.87 5.17 2.12
CA VAL A 38 24.34 4.25 1.13
C VAL A 38 22.97 4.75 0.71
N ILE A 39 22.82 5.08 -0.58
CA ILE A 39 21.67 5.84 -1.03
C ILE A 39 20.44 4.95 -1.10
N ASN A 40 19.41 5.31 -0.33
CA ASN A 40 18.12 4.64 -0.37
C ASN A 40 17.04 5.67 -0.10
N THR A 41 15.81 5.21 0.08
CA THR A 41 14.67 6.07 0.36
C THR A 41 13.94 5.60 1.60
N ARG A 42 14.67 5.22 2.63
CA ARG A 42 14.10 4.57 3.80
C ARG A 42 14.70 5.13 5.08
N GLN A 43 14.98 6.43 5.13
CA GLN A 43 15.45 7.02 6.37
C GLN A 43 14.54 8.11 6.88
N VAL A 44 14.13 9.04 6.03
CA VAL A 44 13.04 9.93 6.39
C VAL A 44 11.75 9.13 6.36
N ALA A 45 11.03 9.11 7.49
CA ALA A 45 9.81 8.32 7.57
C ALA A 45 8.70 8.92 6.73
N GLN A 46 8.70 10.25 6.57
CA GLN A 46 7.73 10.93 5.72
C GLN A 46 7.86 10.48 4.27
N LEU A 47 9.06 10.58 3.72
CA LEU A 47 9.28 10.21 2.32
C LEU A 47 9.17 8.71 2.12
N ARG A 48 9.46 7.91 3.16
CA ARG A 48 9.28 6.47 3.06
C ARG A 48 7.80 6.12 2.95
N ARG A 49 6.94 6.82 3.69
CA ARG A 49 5.51 6.55 3.57
C ARG A 49 4.96 7.04 2.23
N LYS A 50 5.37 8.25 1.82
CA LYS A 50 4.91 8.82 0.56
C LYS A 50 5.39 8.04 -0.64
N LEU A 51 6.48 7.30 -0.54
CA LEU A 51 6.83 6.35 -1.59
C LEU A 51 6.22 4.98 -1.40
N GLU A 52 5.81 4.62 -0.18
CA GLU A 52 5.06 3.40 0.03
C GLU A 52 3.56 3.58 -0.19
N PHE A 53 3.15 4.68 -0.79
CA PHE A 53 1.84 4.67 -1.45
C PHE A 53 1.82 3.81 -2.70
N PHE A 54 2.97 3.51 -3.30
CA PHE A 54 3.04 2.83 -4.59
C PHE A 54 4.05 1.70 -4.51
N THR A 55 3.85 0.67 -5.33
CA THR A 55 4.76 -0.47 -5.27
C THR A 55 6.00 -0.24 -6.11
N TYR A 56 5.84 0.13 -7.37
CA TYR A 56 6.98 0.42 -8.24
C TYR A 56 7.08 1.89 -8.52
N VAL A 57 8.30 2.43 -8.47
CA VAL A 57 8.58 3.83 -8.76
C VAL A 57 9.76 3.90 -9.70
N ARG A 58 9.92 5.06 -10.34
CA ARG A 58 10.94 5.23 -11.37
C ARG A 58 11.26 6.71 -11.46
N PHE A 59 12.43 7.12 -10.97
CA PHE A 59 12.72 8.54 -10.88
C PHE A 59 14.19 8.81 -11.11
N ASP A 60 14.47 10.02 -11.60
CA ASP A 60 15.81 10.58 -11.56
C ASP A 60 16.06 11.16 -10.17
N VAL A 61 17.29 11.59 -9.92
CA VAL A 61 17.68 12.07 -8.59
C VAL A 61 18.49 13.34 -8.74
N GLU A 62 18.20 14.35 -7.92
CA GLU A 62 18.94 15.61 -7.90
C GLU A 62 19.37 15.88 -6.47
N VAL A 63 20.66 15.76 -6.19
CA VAL A 63 21.18 15.90 -4.84
C VAL A 63 21.88 17.24 -4.71
N THR A 64 21.52 18.02 -3.70
CA THR A 64 22.20 19.26 -3.35
C THR A 64 22.80 19.13 -1.97
N PHE A 65 24.07 19.45 -1.82
CA PHE A 65 24.82 19.26 -0.59
C PHE A 65 25.01 20.62 0.09
N VAL A 66 24.56 20.74 1.33
CA VAL A 66 24.74 21.96 2.11
C VAL A 66 25.88 21.71 3.09
N ILE A 67 27.01 22.40 2.90
CA ILE A 67 28.25 22.07 3.60
C ILE A 67 28.61 23.23 4.51
N THR A 68 28.76 22.96 5.81
CA THR A 68 29.08 23.94 6.82
C THR A 68 30.21 23.42 7.71
N SER A 69 31.05 24.32 8.20
CA SER A 69 32.22 23.95 8.98
C SER A 69 32.33 24.82 10.22
N VAL A 70 32.66 24.18 11.34
CA VAL A 70 32.87 24.84 12.63
C VAL A 70 34.13 24.26 13.25
N GLN A 71 35.03 25.12 13.71
CA GLN A 71 36.28 24.64 14.27
C GLN A 71 36.10 24.17 15.71
N ASP A 72 36.74 23.05 16.02
CA ASP A 72 36.76 22.53 17.39
C ASP A 72 37.67 23.40 18.25
N ASP A 73 37.32 23.52 19.53
CA ASP A 73 38.12 24.36 20.41
C ASP A 73 39.41 23.65 20.79
N SER A 74 40.46 24.46 20.96
CA SER A 74 41.78 23.97 21.31
C SER A 74 42.56 25.13 21.89
N THR A 75 43.89 24.98 21.98
CA THR A 75 44.75 26.08 22.38
C THR A 75 44.92 27.08 21.24
N ARG A 76 44.72 26.64 20.01
CA ARG A 76 45.15 27.40 18.84
C ARG A 76 44.02 27.83 17.93
N GLN A 77 42.99 28.46 18.49
CA GLN A 77 41.97 29.08 17.65
C GLN A 77 42.54 30.24 16.83
N ASN A 78 43.64 30.87 17.27
CA ASN A 78 44.29 31.93 16.50
C ASN A 78 45.12 31.28 15.40
N THR A 79 44.52 31.16 14.23
CA THR A 79 45.18 30.59 13.07
C THR A 79 44.64 31.26 11.82
N ASP A 80 45.35 31.09 10.71
CA ASP A 80 44.92 31.56 9.40
C ASP A 80 44.88 30.35 8.47
N THR A 81 43.77 29.65 8.47
CA THR A 81 43.67 28.54 7.54
C THR A 81 43.09 29.04 6.22
N PRO A 82 43.68 28.67 5.09
CA PRO A 82 43.06 28.96 3.80
C PRO A 82 41.79 28.14 3.61
N ALA A 83 41.07 28.47 2.54
CA ALA A 83 39.74 27.93 2.32
C ALA A 83 39.80 26.44 2.01
N LEU A 84 38.83 25.70 2.53
CA LEU A 84 38.83 24.26 2.45
C LEU A 84 38.18 23.78 1.17
N THR A 85 38.71 22.68 0.64
CA THR A 85 38.13 21.98 -0.50
C THR A 85 37.61 20.65 -0.01
N HIS A 86 36.36 20.34 -0.36
CA HIS A 86 35.74 19.06 -0.03
C HIS A 86 35.64 18.21 -1.27
N GLN A 87 35.63 16.90 -1.07
CA GLN A 87 35.39 15.95 -2.14
C GLN A 87 34.12 15.19 -1.83
N ILE A 88 33.26 15.05 -2.83
CA ILE A 88 32.06 14.26 -2.74
C ILE A 88 32.13 13.28 -3.90
N MET A 89 32.57 12.07 -3.63
CA MET A 89 32.74 11.05 -4.66
C MET A 89 31.53 10.13 -4.68
N TYR A 90 31.09 9.77 -5.88
CA TYR A 90 29.94 8.90 -6.06
C TYR A 90 30.39 7.52 -6.52
N VAL A 91 29.94 6.49 -5.84
CA VAL A 91 30.28 5.12 -6.22
C VAL A 91 29.04 4.49 -6.85
N PRO A 92 29.07 4.15 -8.14
CA PRO A 92 27.92 3.51 -8.77
C PRO A 92 27.77 2.08 -8.29
N PRO A 93 26.62 1.42 -8.55
CA PRO A 93 26.52 -0.01 -8.21
C PRO A 93 27.50 -0.87 -8.99
N GLY A 94 28.47 -1.43 -8.29
CA GLY A 94 29.57 -2.13 -8.90
C GLY A 94 30.90 -1.39 -8.88
N GLY A 95 31.12 -0.50 -7.92
CA GLY A 95 32.33 0.29 -7.87
C GLY A 95 33.15 -0.01 -6.62
N PRO A 96 34.42 0.41 -6.62
CA PRO A 96 35.28 0.17 -5.46
C PRO A 96 34.91 1.07 -4.29
N ILE A 97 35.47 0.72 -3.13
CA ILE A 97 35.09 1.32 -1.86
C ILE A 97 36.35 1.78 -1.13
N PRO A 98 36.47 3.05 -0.76
CA PRO A 98 37.61 3.48 0.04
C PRO A 98 37.52 3.00 1.47
N GLN A 99 38.69 2.83 2.08
CA GLN A 99 38.79 2.34 3.44
C GLN A 99 39.59 3.27 4.35
N ALA A 100 40.03 4.42 3.84
CA ALA A 100 40.69 5.45 4.64
C ALA A 100 40.56 6.76 3.87
N VAL A 101 41.12 7.82 4.45
CA VAL A 101 41.18 9.08 3.72
C VAL A 101 42.33 9.11 2.73
N ASP A 102 43.32 8.24 2.91
CA ASP A 102 44.49 8.19 2.04
C ASP A 102 44.45 6.97 1.12
N ASP A 103 43.29 6.35 0.98
CA ASP A 103 43.15 5.18 0.14
C ASP A 103 43.21 5.57 -1.34
N TYR A 104 43.61 4.60 -2.16
CA TYR A 104 43.72 4.82 -3.60
C TYR A 104 42.37 5.01 -4.27
N ASN A 105 41.29 4.50 -3.68
CA ASN A 105 39.99 4.60 -4.30
C ASN A 105 39.39 5.99 -4.26
N TRP A 106 40.04 6.96 -3.64
CA TRP A 106 39.67 8.36 -3.82
C TRP A 106 40.21 8.91 -5.12
N GLN A 107 41.09 8.18 -5.79
CA GLN A 107 41.83 8.66 -6.95
C GLN A 107 41.44 7.92 -8.21
N THR A 108 40.56 6.93 -8.12
CA THR A 108 40.16 6.13 -9.26
C THR A 108 39.27 6.92 -10.21
N SER A 109 39.16 6.43 -11.43
CA SER A 109 38.66 7.21 -12.55
C SER A 109 37.14 7.14 -12.68
N THR A 110 36.59 5.94 -12.59
CA THR A 110 35.15 5.76 -12.79
C THR A 110 34.44 5.76 -11.44
N ASN A 111 34.67 6.87 -10.74
CA ASN A 111 33.91 7.25 -9.54
C ASN A 111 33.84 8.75 -9.59
N PRO A 112 32.72 9.30 -10.07
CA PRO A 112 32.66 10.75 -10.33
C PRO A 112 32.61 11.56 -9.05
N SER A 113 33.42 12.62 -9.01
CA SER A 113 33.64 13.42 -7.82
C SER A 113 33.25 14.87 -8.10
N VAL A 114 33.11 15.64 -7.01
CA VAL A 114 32.84 17.08 -7.07
C VAL A 114 33.75 17.74 -6.06
N PHE A 115 34.47 18.78 -6.48
CA PHE A 115 35.39 19.52 -5.63
C PHE A 115 34.87 20.93 -5.41
N TRP A 116 34.57 21.26 -4.15
CA TRP A 116 33.91 22.52 -3.80
C TRP A 116 34.75 23.29 -2.78
N THR A 117 35.00 24.56 -3.09
CA THR A 117 35.75 25.45 -2.19
C THR A 117 34.78 26.24 -1.34
N GLU A 118 35.19 26.52 -0.09
CA GLU A 118 34.36 27.22 0.87
C GLU A 118 33.95 28.61 0.39
N GLY A 119 32.64 28.88 0.47
CA GLY A 119 32.11 30.20 0.19
C GLY A 119 31.16 30.26 -0.98
N ASN A 120 31.17 29.28 -1.88
CA ASN A 120 30.43 29.38 -3.12
C ASN A 120 28.97 28.99 -2.90
N ALA A 121 28.22 28.87 -4.00
CA ALA A 121 26.90 28.26 -3.95
C ALA A 121 27.07 26.76 -3.68
N PRO A 122 26.06 26.11 -3.07
CA PRO A 122 26.22 24.70 -2.73
C PRO A 122 26.27 23.83 -3.97
N PRO A 123 26.95 22.69 -3.92
CA PRO A 123 27.08 21.84 -5.10
C PRO A 123 25.79 21.12 -5.42
N ARG A 124 25.79 20.48 -6.59
CA ARG A 124 24.62 19.81 -7.11
C ARG A 124 25.06 18.88 -8.23
N MET A 125 24.54 17.66 -8.21
CA MET A 125 24.83 16.69 -9.25
C MET A 125 23.63 15.79 -9.43
N SER A 126 23.26 15.53 -10.68
CA SER A 126 22.11 14.70 -10.97
C SER A 126 22.51 13.24 -11.09
N ILE A 127 21.60 12.37 -10.66
CA ILE A 127 21.83 10.94 -10.65
C ILE A 127 20.68 10.30 -11.41
N PRO A 128 20.93 9.62 -12.52
CA PRO A 128 19.85 9.10 -13.35
C PRO A 128 19.27 7.80 -12.77
N PHE A 129 18.33 7.23 -13.50
CA PHE A 129 17.76 5.94 -13.13
C PHE A 129 18.78 4.84 -13.41
N MET A 130 19.40 4.31 -12.36
CA MET A 130 20.49 3.37 -12.57
C MET A 130 20.19 1.98 -12.02
N SER A 131 19.03 1.44 -12.33
CA SER A 131 18.72 0.05 -12.01
C SER A 131 18.78 -0.79 -13.27
N VAL A 132 18.99 -2.09 -13.07
CA VAL A 132 18.97 -3.01 -14.21
C VAL A 132 17.54 -3.27 -14.66
N GLY A 133 16.63 -3.46 -13.71
CA GLY A 133 15.23 -3.62 -14.02
C GLY A 133 14.57 -2.31 -14.36
N ASN A 134 13.26 -2.39 -14.61
CA ASN A 134 12.53 -1.26 -15.17
C ASN A 134 12.08 -0.25 -14.13
N ALA A 135 11.97 -0.65 -12.87
CA ALA A 135 11.50 0.25 -11.82
C ALA A 135 12.04 -0.25 -10.48
N TYR A 136 12.20 0.67 -9.55
CA TYR A 136 12.55 0.28 -8.19
C TYR A 136 11.33 -0.34 -7.52
N SER A 137 11.58 -1.22 -6.56
CA SER A 137 10.52 -1.80 -5.77
C SER A 137 10.59 -1.28 -4.35
N ASN A 138 9.48 -0.73 -3.86
CA ASN A 138 9.37 -0.44 -2.45
C ASN A 138 9.13 -1.71 -1.65
N PHE A 139 8.42 -2.66 -2.24
CA PHE A 139 8.07 -3.93 -1.61
C PHE A 139 8.54 -5.07 -2.50
N TYR A 140 8.96 -6.15 -1.87
CA TYR A 140 9.49 -7.30 -2.59
C TYR A 140 9.17 -8.54 -1.77
N ASP A 141 8.24 -9.35 -2.27
CA ASP A 141 7.78 -10.54 -1.54
C ASP A 141 8.59 -11.73 -2.01
N GLY A 142 9.79 -11.86 -1.48
CA GLY A 142 10.63 -12.96 -1.87
C GLY A 142 12.04 -12.80 -1.34
N TRP A 143 12.88 -13.75 -1.71
CA TRP A 143 14.28 -13.78 -1.33
C TRP A 143 15.13 -13.33 -2.50
N SER A 144 16.33 -12.82 -2.18
CA SER A 144 17.21 -12.30 -3.22
C SER A 144 17.89 -13.42 -3.98
N HIS A 145 18.71 -14.20 -3.29
CA HIS A 145 19.43 -15.32 -3.87
C HIS A 145 19.18 -16.56 -3.04
N PHE A 146 18.72 -17.64 -3.70
CA PHE A 146 18.71 -19.00 -3.16
C PHE A 146 17.86 -19.09 -1.88
N SER A 147 16.54 -18.99 -2.10
CA SER A 147 15.51 -18.85 -1.07
C SER A 147 15.68 -19.83 0.09
N GLN A 148 15.33 -19.33 1.29
CA GLN A 148 15.68 -19.81 2.64
C GLN A 148 17.16 -19.69 2.97
N THR A 149 17.96 -19.09 2.09
CA THR A 149 19.21 -18.45 2.45
C THR A 149 19.13 -17.02 1.95
N GLY A 150 19.73 -16.09 2.68
CA GLY A 150 19.58 -14.69 2.36
C GLY A 150 18.33 -14.09 3.01
N VAL A 151 18.34 -12.78 3.13
CA VAL A 151 17.33 -12.07 3.90
C VAL A 151 16.04 -11.95 3.09
N TYR A 152 14.92 -12.15 3.75
CA TYR A 152 13.60 -12.05 3.11
C TYR A 152 13.29 -10.60 2.75
N GLY A 153 12.91 -10.39 1.50
CA GLY A 153 12.55 -9.06 1.06
C GLY A 153 13.74 -8.14 0.95
N PHE A 154 14.68 -8.48 0.06
CA PHE A 154 15.89 -7.68 -0.09
C PHE A 154 15.92 -6.91 -1.40
N ASN A 155 15.76 -7.61 -2.52
CA ASN A 155 15.82 -7.04 -3.88
C ASN A 155 17.14 -6.31 -4.11
N THR A 156 18.19 -7.12 -4.28
CA THR A 156 19.52 -6.73 -4.75
C THR A 156 19.49 -5.71 -5.88
N LEU A 157 18.53 -5.88 -6.79
CA LEU A 157 18.45 -5.16 -8.04
C LEU A 157 18.22 -3.65 -7.91
N ASN A 158 17.72 -3.15 -6.78
CA ASN A 158 17.35 -1.74 -6.75
C ASN A 158 18.35 -0.87 -5.99
N ASN A 159 19.63 -1.24 -5.94
CA ASN A 159 20.61 -0.37 -5.31
C ASN A 159 20.97 0.79 -6.21
N MET A 160 21.15 1.95 -5.62
CA MET A 160 21.39 3.17 -6.39
C MET A 160 22.81 3.67 -6.32
N GLY A 161 23.54 3.35 -5.28
CA GLY A 161 24.92 3.74 -5.17
C GLY A 161 25.22 4.16 -3.75
N LYS A 162 26.37 4.80 -3.57
CA LYS A 162 26.69 5.39 -2.28
C LYS A 162 27.69 6.52 -2.50
N LEU A 163 27.77 7.39 -1.50
CA LEU A 163 28.60 8.58 -1.50
C LEU A 163 29.71 8.46 -0.47
N TYR A 164 30.77 9.24 -0.68
CA TYR A 164 31.88 9.32 0.25
C TYR A 164 32.35 10.77 0.32
N PHE A 165 32.84 11.16 1.50
CA PHE A 165 33.14 12.55 1.82
C PHE A 165 34.49 12.62 2.49
N ARG A 166 35.35 13.51 2.02
CA ARG A 166 36.59 13.80 2.72
C ARG A 166 37.04 15.21 2.41
N HIS A 167 37.89 15.76 3.27
CA HIS A 167 38.55 17.03 2.98
C HIS A 167 39.76 16.78 2.07
N VAL A 168 39.82 17.52 0.97
CA VAL A 168 40.86 17.31 -0.04
C VAL A 168 42.22 17.77 0.47
N ASN A 169 42.23 18.77 1.35
CA ASN A 169 43.47 19.35 1.82
C ASN A 169 44.21 18.40 2.77
N ASP A 170 45.44 18.78 3.09
CA ASP A 170 46.25 18.05 4.04
C ASP A 170 45.71 18.25 5.45
N LYS A 171 46.27 17.52 6.42
CA LYS A 171 45.92 17.68 7.81
C LYS A 171 46.31 19.08 8.29
N THR A 172 45.35 19.81 8.83
CA THR A 172 45.60 21.17 9.30
C THR A 172 46.27 21.11 10.67
N ILE A 173 46.35 22.26 11.35
CA ILE A 173 46.95 22.31 12.67
C ILE A 173 45.90 22.43 13.78
N SER A 174 44.70 22.90 13.47
CA SER A 174 43.60 22.90 14.41
C SER A 174 42.51 21.97 13.91
N PRO A 175 41.80 21.28 14.81
CA PRO A 175 40.74 20.38 14.35
C PRO A 175 39.52 21.16 13.92
N ILE A 176 39.05 20.87 12.70
CA ILE A 176 37.89 21.52 12.13
C ILE A 176 36.97 20.43 11.63
N THR A 177 35.77 20.35 12.18
CA THR A 177 34.79 19.36 11.78
C THR A 177 33.81 19.98 10.80
N SER A 178 33.39 19.20 9.81
CA SER A 178 32.49 19.66 8.77
C SER A 178 31.29 18.73 8.70
N LYS A 179 30.09 19.29 8.73
CA LYS A 179 28.86 18.54 8.67
C LYS A 179 28.14 18.91 7.38
N VAL A 180 27.77 17.92 6.59
CA VAL A 180 27.07 18.21 5.36
C VAL A 180 25.65 17.67 5.49
N ARG A 181 24.75 18.29 4.74
CA ARG A 181 23.33 17.97 4.74
C ARG A 181 22.96 17.64 3.31
N ILE A 182 22.12 16.63 3.11
CA ILE A 182 21.91 16.05 1.80
C ILE A 182 20.46 16.24 1.40
N TYR A 183 20.21 17.01 0.35
CA TYR A 183 18.87 17.32 -0.10
C TYR A 183 18.58 16.49 -1.35
N PHE A 184 17.71 15.51 -1.18
CA PHE A 184 17.44 14.45 -2.14
C PHE A 184 16.11 14.75 -2.83
N LYS A 185 16.17 15.24 -4.06
CA LYS A 185 14.95 15.62 -4.76
C LYS A 185 14.70 14.70 -5.94
N PRO A 186 13.76 13.77 -5.88
CA PRO A 186 13.50 12.89 -7.02
C PRO A 186 12.77 13.60 -8.13
N LYS A 187 13.07 13.19 -9.37
CA LYS A 187 12.59 13.89 -10.55
C LYS A 187 11.98 12.91 -11.54
N HIS A 188 11.00 13.41 -12.29
CA HIS A 188 10.32 12.68 -13.38
C HIS A 188 9.69 11.38 -12.88
N VAL A 189 8.82 11.51 -11.89
CA VAL A 189 8.36 10.36 -11.13
C VAL A 189 7.23 9.66 -11.88
N LYS A 190 7.34 8.34 -12.04
CA LYS A 190 6.27 7.51 -12.54
C LYS A 190 6.04 6.38 -11.57
N ALA A 191 4.79 6.15 -11.19
CA ALA A 191 4.44 5.18 -10.15
C ALA A 191 3.36 4.24 -10.66
N TRP A 192 3.35 3.02 -10.12
CA TRP A 192 2.40 2.00 -10.54
C TRP A 192 1.87 1.25 -9.34
N VAL A 193 0.74 0.56 -9.55
CA VAL A 193 -0.02 -0.33 -8.65
C VAL A 193 -0.11 0.20 -7.23
N PRO A 194 -0.99 1.18 -6.99
CA PRO A 194 -1.08 1.82 -5.66
C PRO A 194 -1.61 0.88 -4.60
N ARG A 195 -1.48 1.31 -3.36
CA ARG A 195 -1.67 0.44 -2.21
C ARG A 195 -1.93 1.31 -0.98
N PRO A 196 -2.54 0.77 0.08
CA PRO A 196 -2.96 1.63 1.20
C PRO A 196 -1.79 2.14 2.01
N PRO A 197 -1.95 3.24 2.73
CA PRO A 197 -0.87 3.75 3.56
C PRO A 197 -0.61 2.84 4.75
N ARG A 198 0.53 3.05 5.38
CA ARG A 198 0.87 2.26 6.55
C ARG A 198 0.18 2.84 7.77
N LEU A 199 -0.36 1.95 8.60
CA LEU A 199 -1.00 2.31 9.85
C LEU A 199 -0.04 2.23 11.02
N CYS A 200 0.78 1.19 11.08
CA CYS A 200 1.66 1.02 12.22
C CYS A 200 2.91 1.88 12.06
N GLU A 201 3.64 2.04 13.16
CA GLU A 201 4.91 2.73 13.11
C GLU A 201 5.99 1.82 12.54
N TYR A 202 7.16 2.40 12.28
CA TYR A 202 8.29 1.66 11.77
C TYR A 202 9.20 1.22 12.90
N THR A 203 9.82 0.07 12.73
CA THR A 203 10.75 -0.47 13.70
C THR A 203 12.17 -0.57 13.17
N HIS A 204 12.35 -0.89 11.89
CA HIS A 204 13.66 -0.92 11.27
C HIS A 204 13.54 -0.36 9.86
N LYS A 205 14.69 -0.11 9.23
CA LYS A 205 14.73 0.48 7.90
C LYS A 205 14.96 -0.55 6.81
N ASP A 206 14.96 -1.83 7.13
CA ASP A 206 15.23 -2.86 6.15
C ASP A 206 14.16 -3.92 6.04
N ASN A 207 13.08 -3.83 6.83
CA ASN A 207 11.97 -4.77 6.74
C ASN A 207 10.67 -4.05 7.02
N VAL A 208 9.56 -4.76 6.78
CA VAL A 208 8.23 -4.21 6.91
C VAL A 208 7.65 -4.49 8.31
N ASP A 209 8.46 -5.03 9.21
CA ASP A 209 7.98 -5.59 10.47
C ASP A 209 7.46 -4.51 11.41
N PHE A 210 6.55 -4.90 12.29
CA PHE A 210 5.74 -3.95 13.04
C PHE A 210 5.18 -4.61 14.29
N GLU A 211 4.56 -3.80 15.14
CA GLU A 211 3.66 -4.23 16.21
C GLU A 211 2.24 -3.84 15.84
N PRO A 212 1.24 -4.67 16.16
CA PRO A 212 -0.12 -4.37 15.72
C PRO A 212 -0.72 -3.20 16.48
N LYS A 213 -1.07 -2.15 15.72
CA LYS A 213 -1.71 -0.96 16.24
C LYS A 213 -3.22 -1.18 16.10
N GLY A 214 -4.02 -0.19 16.50
CA GLY A 214 -5.46 -0.27 16.34
C GLY A 214 -5.95 -0.07 14.92
N VAL A 215 -7.13 0.50 14.75
CA VAL A 215 -7.64 0.81 13.41
C VAL A 215 -7.91 2.31 13.34
N THR A 216 -8.30 2.90 14.46
CA THR A 216 -8.70 4.30 14.54
C THR A 216 -8.73 4.69 16.02
N THR A 217 -9.26 5.88 16.29
CA THR A 217 -9.41 6.37 17.65
C THR A 217 -10.80 6.01 18.16
N SER A 218 -10.87 5.46 19.37
CA SER A 218 -12.11 4.89 19.87
C SER A 218 -13.06 5.97 20.36
N ARG A 219 -14.36 5.76 20.11
CA ARG A 219 -15.39 6.62 20.66
C ARG A 219 -15.95 6.04 21.95
N THR A 220 -16.79 6.84 22.61
CA THR A 220 -17.47 6.41 23.82
C THR A 220 -18.78 5.70 23.50
N GLN A 221 -19.48 6.17 22.45
CA GLN A 221 -20.78 5.62 22.08
C GLN A 221 -20.80 5.23 20.62
N LEU A 222 -21.98 4.89 20.12
CA LEU A 222 -22.19 4.58 18.72
C LEU A 222 -23.20 5.49 18.07
N THR A 223 -24.17 5.99 18.84
CA THR A 223 -25.15 6.95 18.38
C THR A 223 -24.81 8.34 18.92
N ILE A 224 -24.99 9.35 18.08
CA ILE A 224 -24.63 10.71 18.45
C ILE A 224 -25.81 11.41 19.10
N SER A 225 -25.51 12.46 19.86
CA SER A 225 -26.52 13.27 20.53
C SER A 225 -26.22 14.75 20.31
N ASN A 226 -26.94 15.62 21.02
CA ASN A 226 -26.78 17.06 20.85
C ASN A 226 -25.70 17.60 21.78
N SER A 227 -25.32 18.85 21.54
CA SER A 227 -24.30 19.53 22.33
C SER A 227 -24.83 19.93 23.70
N SER B 1 -30.35 -23.42 -13.60
CA SER B 1 -31.24 -22.51 -12.90
C SER B 1 -31.37 -21.18 -13.62
N ASP B 2 -30.23 -20.53 -13.85
CA ASP B 2 -30.16 -19.17 -14.36
C ASP B 2 -29.21 -19.10 -15.55
N ARG B 3 -29.42 -20.00 -16.52
CA ARG B 3 -28.64 -20.12 -17.76
C ARG B 3 -27.15 -20.38 -17.45
N VAL B 4 -26.91 -21.57 -16.90
CA VAL B 4 -25.57 -21.99 -16.52
C VAL B 4 -24.75 -22.25 -17.79
N ARG B 5 -23.56 -21.63 -17.87
CA ARG B 5 -22.65 -21.87 -18.97
C ARG B 5 -21.48 -22.71 -18.51
N SER B 6 -21.08 -23.70 -19.31
CA SER B 6 -20.14 -24.72 -18.88
C SER B 6 -18.78 -24.62 -19.56
N ILE B 7 -17.81 -24.05 -18.85
CA ILE B 7 -16.50 -23.76 -19.44
C ILE B 7 -15.63 -25.01 -19.37
N THR B 8 -15.01 -25.36 -20.50
CA THR B 8 -14.12 -26.50 -20.59
C THR B 8 -12.74 -26.05 -21.06
N LEU B 9 -11.75 -26.15 -20.18
CA LEU B 9 -10.35 -25.93 -20.52
C LEU B 9 -9.61 -27.25 -20.37
N GLY B 10 -8.91 -27.66 -21.42
CA GLY B 10 -8.12 -28.87 -21.39
C GLY B 10 -8.96 -30.14 -21.29
N ASN B 11 -8.81 -30.86 -20.20
CA ASN B 11 -9.65 -32.00 -19.87
C ASN B 11 -10.34 -31.80 -18.53
N SER B 12 -10.74 -30.57 -18.25
CA SER B 12 -11.42 -30.22 -17.01
C SER B 12 -12.58 -29.31 -17.35
N THR B 13 -13.64 -29.38 -16.56
CA THR B 13 -14.88 -28.68 -16.85
C THR B 13 -15.45 -28.14 -15.55
N ILE B 14 -15.95 -26.90 -15.57
CA ILE B 14 -16.54 -26.26 -14.41
C ILE B 14 -17.79 -25.53 -14.89
N THR B 15 -18.74 -25.33 -13.97
CA THR B 15 -20.04 -24.73 -14.30
C THR B 15 -20.14 -23.34 -13.69
N THR B 16 -20.67 -22.40 -14.47
CA THR B 16 -20.73 -21.00 -14.06
C THR B 16 -22.06 -20.41 -14.51
N GLN B 17 -22.65 -19.56 -13.68
CA GLN B 17 -23.93 -18.91 -13.99
C GLN B 17 -23.75 -17.81 -15.05
N GLU B 18 -24.87 -17.30 -15.54
CA GLU B 18 -24.89 -16.47 -16.75
C GLU B 18 -24.32 -15.08 -16.50
N SER B 19 -24.54 -14.51 -15.31
CA SER B 19 -24.16 -13.14 -14.99
C SER B 19 -22.66 -12.95 -15.05
N ALA B 20 -21.93 -13.61 -14.12
CA ALA B 20 -20.48 -13.75 -14.14
C ALA B 20 -19.76 -12.40 -14.16
N ASN B 21 -19.90 -11.69 -13.03
CA ASN B 21 -19.23 -10.40 -12.86
C ASN B 21 -17.72 -10.64 -12.73
N VAL B 22 -17.00 -10.39 -13.82
CA VAL B 22 -15.58 -10.67 -13.90
C VAL B 22 -14.82 -9.37 -13.69
N VAL B 23 -13.88 -9.37 -12.75
CA VAL B 23 -13.03 -8.22 -12.47
C VAL B 23 -11.68 -8.47 -13.12
N VAL B 24 -11.39 -7.73 -14.18
CA VAL B 24 -10.05 -7.69 -14.72
C VAL B 24 -9.21 -6.82 -13.80
N GLY B 25 -7.97 -7.23 -13.55
CA GLY B 25 -7.11 -6.65 -12.53
C GLY B 25 -6.90 -5.15 -12.58
N TYR B 26 -6.18 -4.66 -13.57
CA TYR B 26 -5.99 -3.24 -13.74
C TYR B 26 -6.38 -2.80 -15.13
N GLY B 27 -7.46 -3.39 -15.65
CA GLY B 27 -7.91 -3.15 -17.00
C GLY B 27 -7.12 -3.87 -18.07
N VAL B 28 -6.14 -4.68 -17.70
CA VAL B 28 -5.19 -5.28 -18.63
C VAL B 28 -5.38 -6.78 -18.64
N TRP B 29 -5.53 -7.35 -19.82
CA TRP B 29 -5.64 -8.79 -20.00
C TRP B 29 -4.27 -9.44 -20.04
N PRO B 30 -4.15 -10.67 -19.53
CA PRO B 30 -2.89 -11.41 -19.63
C PRO B 30 -2.58 -11.78 -21.07
N ASP B 31 -1.45 -11.29 -21.57
CA ASP B 31 -0.99 -11.60 -22.92
C ASP B 31 0.48 -12.03 -22.87
N TYR B 32 0.97 -12.45 -24.03
CA TYR B 32 2.36 -12.86 -24.16
C TYR B 32 3.29 -11.66 -24.12
N LEU B 33 4.59 -11.95 -23.95
CA LEU B 33 5.63 -10.93 -23.88
C LEU B 33 6.00 -10.52 -25.30
N SER B 34 5.41 -9.43 -25.77
CA SER B 34 5.74 -8.92 -27.10
C SER B 34 7.06 -8.16 -27.06
N ASP B 42 17.95 -15.71 -24.99
CA ASP B 42 16.98 -14.64 -25.03
C ASP B 42 15.88 -14.99 -26.02
N GLN B 43 15.11 -16.04 -25.71
CA GLN B 43 13.99 -16.44 -26.56
C GLN B 43 12.87 -16.97 -25.69
N PRO B 44 11.61 -16.74 -26.05
CA PRO B 44 10.50 -17.29 -25.24
C PRO B 44 10.05 -18.66 -25.72
N THR B 45 9.62 -19.50 -24.78
CA THR B 45 9.07 -20.82 -25.08
C THR B 45 7.83 -21.02 -24.23
N GLN B 46 6.68 -21.19 -24.87
CA GLN B 46 5.41 -21.27 -24.19
C GLN B 46 4.87 -22.69 -24.16
N PRO B 47 4.36 -23.13 -23.02
CA PRO B 47 3.58 -24.37 -22.99
C PRO B 47 2.12 -24.10 -23.32
N ASP B 48 1.80 -24.03 -24.60
CA ASP B 48 0.41 -23.89 -25.08
C ASP B 48 -0.30 -25.20 -24.71
N VAL B 49 -1.63 -25.23 -24.72
CA VAL B 49 -2.40 -25.75 -23.60
C VAL B 49 -2.10 -27.20 -23.25
N ALA B 50 -1.33 -27.36 -22.18
CA ALA B 50 -1.14 -28.61 -21.46
C ALA B 50 -1.03 -28.23 -19.98
N THR B 51 -1.03 -26.92 -19.73
CA THR B 51 -0.91 -26.36 -18.40
C THR B 51 -2.01 -25.32 -18.19
N CYS B 52 -2.84 -25.13 -19.22
CA CYS B 52 -3.97 -24.21 -19.16
C CYS B 52 -5.23 -25.04 -18.91
N ARG B 53 -5.42 -25.42 -17.66
CA ARG B 53 -6.60 -26.16 -17.24
C ARG B 53 -6.91 -25.73 -15.81
N PHE B 54 -8.14 -26.01 -15.37
CA PHE B 54 -8.54 -25.61 -14.02
C PHE B 54 -7.89 -26.50 -12.99
N TYR B 55 -7.21 -25.89 -12.02
CA TYR B 55 -6.63 -26.60 -10.88
C TYR B 55 -7.43 -26.22 -9.65
N THR B 56 -8.02 -27.21 -9.00
CA THR B 56 -9.01 -26.99 -7.95
C THR B 56 -8.41 -27.35 -6.60
N LEU B 57 -8.35 -26.36 -5.70
CA LEU B 57 -7.80 -26.60 -4.38
C LEU B 57 -8.84 -27.22 -3.47
N ASP B 58 -8.45 -27.47 -2.22
CA ASP B 58 -9.38 -28.01 -1.24
C ASP B 58 -10.33 -26.92 -0.75
N SER B 59 -11.54 -27.34 -0.40
CA SER B 59 -12.48 -26.44 0.24
C SER B 59 -12.00 -26.13 1.65
N VAL B 60 -12.27 -24.92 2.11
CA VAL B 60 -11.84 -24.50 3.44
C VAL B 60 -13.04 -24.49 4.37
N SER B 61 -12.77 -24.24 5.65
CA SER B 61 -13.69 -24.46 6.75
C SER B 61 -14.09 -23.12 7.36
N TRP B 62 -15.28 -22.63 7.06
CA TRP B 62 -15.71 -21.32 7.53
C TRP B 62 -16.78 -21.49 8.61
N MET B 63 -16.33 -21.49 9.86
CA MET B 63 -17.22 -21.46 11.01
C MET B 63 -17.61 -20.02 11.32
N LYS B 64 -18.19 -19.80 12.50
CA LYS B 64 -18.44 -18.44 12.96
C LYS B 64 -17.14 -17.72 13.27
N GLU B 65 -16.16 -18.44 13.81
CA GLU B 65 -14.96 -17.83 14.34
C GLU B 65 -13.78 -17.86 13.38
N SER B 66 -13.98 -18.30 12.15
CA SER B 66 -12.92 -18.29 11.16
C SER B 66 -12.59 -16.86 10.76
N GLN B 67 -11.30 -16.53 10.77
CA GLN B 67 -10.86 -15.17 10.61
C GLN B 67 -10.31 -14.85 9.22
N GLY B 68 -9.97 -15.86 8.42
CA GLY B 68 -9.47 -15.61 7.08
C GLY B 68 -8.34 -16.50 6.65
N TRP B 69 -8.03 -16.51 5.34
CA TRP B 69 -7.04 -17.41 4.77
C TRP B 69 -6.25 -16.67 3.71
N TRP B 70 -5.01 -17.12 3.44
CA TRP B 70 -4.27 -16.58 2.32
C TRP B 70 -3.49 -17.67 1.60
N TRP B 71 -3.32 -17.48 0.29
CA TRP B 71 -2.50 -18.32 -0.56
C TRP B 71 -1.49 -17.46 -1.29
N LYS B 72 -0.27 -17.95 -1.45
CA LYS B 72 0.74 -17.32 -2.29
C LYS B 72 0.72 -17.97 -3.67
N PHE B 73 0.87 -17.16 -4.71
CA PHE B 73 0.92 -17.64 -6.08
C PHE B 73 2.42 -17.50 -6.31
N PRO B 74 2.98 -17.84 -7.54
CA PRO B 74 2.53 -19.20 -7.83
C PRO B 74 3.35 -20.18 -7.03
N ASP B 75 2.99 -20.34 -5.77
CA ASP B 75 3.68 -21.26 -4.89
C ASP B 75 2.65 -22.29 -4.50
N ALA B 76 1.39 -21.97 -4.77
CA ALA B 76 0.28 -22.85 -4.46
C ALA B 76 0.07 -23.92 -5.53
N LEU B 77 0.78 -23.84 -6.65
CA LEU B 77 0.62 -24.76 -7.76
C LEU B 77 1.92 -25.50 -8.05
N ARG B 78 2.74 -25.74 -7.03
CA ARG B 78 4.00 -26.43 -7.22
C ARG B 78 3.87 -27.95 -7.19
N ASP B 79 2.70 -28.46 -6.82
CA ASP B 79 2.42 -29.89 -6.80
C ASP B 79 1.18 -30.18 -7.63
N MET B 80 1.04 -29.50 -8.76
CA MET B 80 -0.16 -29.54 -9.57
C MET B 80 0.17 -29.89 -11.01
N GLY B 81 0.94 -30.96 -11.20
CA GLY B 81 1.15 -31.49 -12.52
C GLY B 81 2.12 -30.69 -13.36
N LEU B 82 1.76 -30.45 -14.63
CA LEU B 82 2.70 -29.93 -15.60
C LEU B 82 3.08 -28.47 -15.35
N PHE B 83 2.29 -27.74 -14.58
CA PHE B 83 2.69 -26.39 -14.20
C PHE B 83 3.85 -26.43 -13.20
N GLY B 84 3.77 -27.34 -12.22
CA GLY B 84 4.88 -27.54 -11.32
C GLY B 84 6.07 -28.20 -11.97
N GLN B 85 5.82 -29.06 -12.96
CA GLN B 85 6.91 -29.62 -13.77
C GLN B 85 7.67 -28.52 -14.48
N ASN B 86 6.95 -27.64 -15.18
CA ASN B 86 7.59 -26.52 -15.84
C ASN B 86 8.18 -25.51 -14.85
N MET B 87 7.73 -25.50 -13.60
CA MET B 87 8.46 -24.75 -12.58
C MET B 87 9.80 -25.40 -12.28
N GLN B 88 9.86 -26.73 -12.24
CA GLN B 88 11.12 -27.37 -11.85
C GLN B 88 12.12 -27.48 -13.00
N TYR B 89 11.66 -27.65 -14.24
CA TYR B 89 12.62 -27.85 -15.32
C TYR B 89 13.17 -26.53 -15.84
N HIS B 90 12.33 -25.53 -16.02
CA HIS B 90 12.80 -24.26 -16.54
C HIS B 90 13.36 -23.40 -15.42
N TYR B 91 13.94 -22.27 -15.80
CA TYR B 91 14.65 -21.39 -14.87
C TYR B 91 13.96 -20.06 -14.68
N LEU B 92 13.39 -19.48 -15.74
CA LEU B 92 12.65 -18.24 -15.65
C LEU B 92 11.20 -18.51 -16.04
N GLY B 93 10.29 -17.69 -15.52
CA GLY B 93 8.88 -17.95 -15.70
C GLY B 93 8.03 -16.70 -15.74
N ARG B 94 6.84 -16.86 -16.32
CA ARG B 94 5.91 -15.76 -16.52
C ARG B 94 4.53 -16.35 -16.81
N SER B 95 3.49 -15.82 -16.14
CA SER B 95 2.13 -16.30 -16.32
C SER B 95 1.15 -15.29 -15.76
N GLY B 96 -0.09 -15.37 -16.26
CA GLY B 96 -1.23 -14.65 -15.69
C GLY B 96 -2.30 -15.63 -15.27
N TYR B 97 -3.23 -15.23 -14.40
CA TYR B 97 -4.08 -16.18 -13.71
C TYR B 97 -5.55 -15.82 -13.84
N THR B 98 -6.40 -16.80 -13.56
CA THR B 98 -7.84 -16.60 -13.49
C THR B 98 -8.38 -17.40 -12.31
N ILE B 99 -9.04 -16.72 -11.38
CA ILE B 99 -9.37 -17.28 -10.08
C ILE B 99 -10.89 -17.26 -9.91
N HIS B 100 -11.50 -18.43 -9.84
CA HIS B 100 -12.92 -18.58 -9.55
C HIS B 100 -13.08 -19.01 -8.10
N VAL B 101 -13.83 -18.25 -7.32
CA VAL B 101 -14.02 -18.53 -5.90
C VAL B 101 -15.51 -18.70 -5.67
N GLN B 102 -15.96 -19.95 -5.58
CA GLN B 102 -17.35 -20.26 -5.26
C GLN B 102 -17.49 -20.55 -3.78
N CYS B 103 -18.66 -20.20 -3.25
CA CYS B 103 -18.98 -20.38 -1.83
C CYS B 103 -20.49 -20.66 -1.76
N ASN B 104 -20.84 -21.95 -1.73
CA ASN B 104 -22.24 -22.34 -1.84
C ASN B 104 -22.92 -22.45 -0.48
N ALA B 105 -24.07 -21.82 -0.36
CA ALA B 105 -24.79 -21.81 0.92
C ALA B 105 -26.27 -21.60 0.65
N SER B 106 -27.08 -21.92 1.66
CA SER B 106 -28.51 -21.77 1.58
C SER B 106 -28.91 -20.33 1.87
N LYS B 107 -30.20 -20.05 1.72
CA LYS B 107 -30.72 -18.71 1.93
C LYS B 107 -30.96 -18.39 3.39
N PHE B 108 -30.73 -19.34 4.30
CA PHE B 108 -30.88 -19.13 5.73
C PHE B 108 -29.56 -18.77 6.39
N HIS B 109 -28.49 -18.64 5.62
CA HIS B 109 -27.19 -18.23 6.12
C HIS B 109 -26.92 -16.77 5.76
N GLN B 110 -26.00 -16.16 6.51
CA GLN B 110 -25.68 -14.75 6.32
C GLN B 110 -24.21 -14.54 6.60
N GLY B 111 -23.62 -13.61 5.86
CA GLY B 111 -22.20 -13.36 5.95
C GLY B 111 -21.73 -12.58 4.74
N CYS B 112 -20.43 -12.35 4.70
CA CYS B 112 -19.83 -11.55 3.64
C CYS B 112 -18.34 -11.86 3.58
N LEU B 113 -17.75 -11.64 2.41
CA LEU B 113 -16.34 -11.96 2.21
C LEU B 113 -15.71 -10.95 1.27
N LEU B 114 -14.51 -10.51 1.62
CA LEU B 114 -13.65 -9.78 0.70
C LEU B 114 -12.68 -10.75 0.05
N VAL B 115 -12.54 -10.67 -1.26
CA VAL B 115 -11.65 -11.55 -2.03
C VAL B 115 -10.74 -10.63 -2.83
N VAL B 116 -9.52 -10.40 -2.36
CA VAL B 116 -8.59 -9.50 -3.04
C VAL B 116 -7.45 -10.28 -3.67
N CYS B 117 -6.59 -9.58 -4.40
CA CYS B 117 -5.31 -10.10 -4.85
C CYS B 117 -4.28 -8.99 -4.69
N VAL B 118 -3.27 -9.22 -3.88
CA VAL B 118 -2.38 -8.19 -3.37
C VAL B 118 -1.00 -8.40 -3.99
N PRO B 119 -0.57 -7.57 -4.93
CA PRO B 119 0.79 -7.71 -5.48
C PRO B 119 1.85 -7.28 -4.48
N GLU B 120 2.89 -8.12 -4.35
CA GLU B 120 4.08 -7.87 -3.53
C GLU B 120 3.72 -7.68 -2.05
N ALA B 121 2.89 -8.58 -1.53
CA ALA B 121 2.46 -8.52 -0.14
C ALA B 121 3.60 -8.99 0.75
N GLU B 122 4.46 -8.08 1.16
CA GLU B 122 5.56 -8.45 2.05
C GLU B 122 5.06 -8.54 3.48
N MET B 123 5.18 -9.72 4.07
CA MET B 123 4.59 -10.01 5.38
C MET B 123 5.48 -9.53 6.51
N GLY B 124 4.84 -9.16 7.62
CA GLY B 124 5.55 -8.75 8.82
C GLY B 124 5.64 -9.89 9.82
N ALA B 125 6.81 -10.04 10.41
CA ALA B 125 7.04 -11.12 11.35
C ALA B 125 6.40 -10.84 12.69
N ALA B 126 6.16 -11.91 13.45
CA ALA B 126 5.54 -11.79 14.76
C ALA B 126 6.49 -11.13 15.75
N ASN B 127 7.64 -11.76 15.97
CA ASN B 127 8.72 -11.11 16.70
C ASN B 127 9.48 -10.23 15.71
N ILE B 128 9.87 -9.04 16.16
CA ILE B 128 10.14 -7.93 15.25
C ILE B 128 11.42 -8.16 14.45
N ASN B 129 12.55 -8.36 15.13
CA ASN B 129 13.82 -8.45 14.43
C ASN B 129 14.24 -9.90 14.21
N GLU B 130 13.29 -10.79 13.96
CA GLU B 130 13.57 -12.18 13.70
C GLU B 130 13.28 -12.53 12.24
N LYS B 131 13.39 -13.82 11.93
CA LYS B 131 13.34 -14.33 10.57
C LYS B 131 12.12 -15.24 10.41
N ILE B 132 11.54 -15.23 9.23
CA ILE B 132 10.34 -16.00 8.92
C ILE B 132 10.74 -17.23 8.14
N ASN B 133 10.24 -18.40 8.54
CA ASN B 133 10.45 -19.58 7.72
C ASN B 133 9.49 -19.59 6.54
N ARG B 134 9.79 -20.44 5.56
CA ARG B 134 8.98 -20.49 4.35
C ARG B 134 7.68 -21.24 4.57
N GLU B 135 7.66 -22.15 5.55
CA GLU B 135 6.45 -22.92 5.84
C GLU B 135 5.37 -22.07 6.47
N HIS B 136 5.71 -20.90 7.00
CA HIS B 136 4.76 -19.98 7.60
C HIS B 136 4.36 -18.86 6.66
N LEU B 137 5.09 -18.66 5.57
CA LEU B 137 4.64 -17.75 4.52
C LEU B 137 3.70 -18.46 3.57
N SER B 138 4.16 -19.53 2.95
CA SER B 138 3.39 -20.25 1.96
C SER B 138 3.34 -21.72 2.36
N ASN B 139 2.36 -22.41 1.79
CA ASN B 139 2.23 -23.83 2.05
C ASN B 139 1.89 -24.64 0.79
N GLY B 140 1.50 -23.99 -0.31
CA GLY B 140 1.10 -24.78 -1.47
C GLY B 140 -0.37 -25.09 -1.38
N GLU B 141 -0.66 -26.25 -0.82
CA GLU B 141 -2.00 -26.67 -0.42
C GLU B 141 -2.37 -25.98 0.89
N VAL B 142 -3.36 -26.56 1.60
CA VAL B 142 -4.35 -25.92 2.48
C VAL B 142 -3.80 -24.76 3.29
N ALA B 143 -4.52 -23.63 3.23
CA ALA B 143 -3.98 -22.29 3.37
C ALA B 143 -3.50 -22.00 4.79
N ASN B 144 -2.87 -20.84 4.92
CA ASN B 144 -2.50 -20.30 6.21
C ASN B 144 -3.63 -19.41 6.71
N THR B 145 -3.98 -19.57 7.98
CA THR B 145 -5.13 -18.93 8.57
C THR B 145 -4.71 -17.72 9.38
N PHE B 146 -5.44 -16.61 9.23
CA PHE B 146 -5.26 -15.45 10.09
C PHE B 146 -5.64 -15.76 11.53
N SER B 147 -5.31 -14.84 12.41
CA SER B 147 -5.77 -14.88 13.79
C SER B 147 -6.54 -13.60 14.10
N GLY B 148 -7.28 -13.62 15.19
CA GLY B 148 -8.07 -12.47 15.55
C GLY B 148 -7.35 -11.57 16.54
N THR B 149 -6.34 -12.12 17.21
CA THR B 149 -5.57 -11.41 18.21
C THR B 149 -4.11 -11.35 17.77
N LYS B 150 -3.31 -10.61 18.54
CA LYS B 150 -1.88 -10.48 18.30
C LYS B 150 -1.20 -11.81 18.59
N SER B 151 -0.77 -12.51 17.53
CA SER B 151 -0.12 -13.79 17.69
C SER B 151 1.38 -13.61 17.94
N SER B 152 1.96 -14.61 18.59
CA SER B 152 3.39 -14.59 18.89
C SER B 152 3.90 -16.02 18.86
N ASN B 153 4.46 -16.43 17.72
CA ASN B 153 5.03 -17.75 17.56
C ASN B 153 6.48 -17.63 17.10
N THR B 154 7.24 -18.70 17.29
CA THR B 154 8.63 -18.70 16.89
C THR B 154 8.74 -18.80 15.38
N ASN B 155 9.32 -17.75 14.78
CA ASN B 155 9.60 -17.64 13.34
C ASN B 155 8.33 -17.78 12.51
N ASP B 156 7.42 -16.83 12.72
CA ASP B 156 6.08 -16.92 12.15
C ASP B 156 5.63 -15.51 11.75
N VAL B 157 4.72 -15.45 10.79
CA VAL B 157 4.11 -14.20 10.36
C VAL B 157 3.24 -13.67 11.49
N GLN B 158 3.25 -12.34 11.69
CA GLN B 158 2.31 -11.73 12.61
C GLN B 158 0.90 -11.88 12.07
N GLN B 159 0.14 -12.79 12.66
CA GLN B 159 -1.19 -13.14 12.20
C GLN B 159 -2.21 -12.33 13.00
N ALA B 160 -2.80 -11.33 12.36
CA ALA B 160 -3.87 -10.55 12.96
C ALA B 160 -4.69 -9.99 11.81
N VAL B 161 -6.02 -10.07 11.92
CA VAL B 161 -6.87 -9.68 10.81
C VAL B 161 -6.84 -8.18 10.60
N PHE B 162 -6.82 -7.40 11.67
CA PHE B 162 -7.00 -5.96 11.57
C PHE B 162 -5.78 -5.24 11.04
N ASN B 163 -4.69 -5.95 10.76
CA ASN B 163 -3.57 -5.39 10.02
C ASN B 163 -3.14 -6.24 8.84
N ALA B 164 -3.71 -7.44 8.66
CA ALA B 164 -3.52 -8.34 7.53
C ALA B 164 -2.06 -8.74 7.31
N GLY B 165 -1.24 -8.70 8.35
CA GLY B 165 0.15 -9.04 8.20
C GLY B 165 1.01 -8.08 7.40
N MET B 166 0.49 -6.91 7.05
CA MET B 166 1.23 -5.93 6.29
C MET B 166 1.34 -4.58 6.96
N GLY B 167 0.61 -4.35 8.05
CA GLY B 167 0.69 -3.09 8.75
C GLY B 167 -0.30 -2.04 8.30
N VAL B 168 -1.24 -2.39 7.44
CA VAL B 168 -2.22 -1.45 6.92
C VAL B 168 -3.56 -1.73 7.59
N ALA B 169 -4.51 -0.83 7.40
CA ALA B 169 -5.87 -1.11 7.86
C ALA B 169 -6.52 -2.12 6.92
N VAL B 170 -7.23 -3.09 7.50
CA VAL B 170 -7.81 -4.14 6.69
C VAL B 170 -9.02 -3.64 5.90
N GLY B 171 -9.64 -2.55 6.33
CA GLY B 171 -10.72 -1.96 5.55
C GLY B 171 -10.23 -1.26 4.31
N ASN B 172 -8.95 -0.93 4.24
CA ASN B 172 -8.39 -0.23 3.10
C ASN B 172 -7.80 -1.15 2.05
N LEU B 173 -8.09 -2.44 2.13
CA LEU B 173 -7.63 -3.38 1.11
C LEU B 173 -8.52 -3.41 -0.11
N THR B 174 -9.45 -2.48 -0.26
CA THR B 174 -10.30 -2.45 -1.43
C THR B 174 -9.67 -1.69 -2.59
N ILE B 175 -8.44 -1.21 -2.44
CA ILE B 175 -7.71 -0.59 -3.55
C ILE B 175 -7.22 -1.66 -4.53
N PHE B 176 -6.95 -2.87 -4.07
CA PHE B 176 -6.52 -3.94 -4.92
C PHE B 176 -7.72 -4.53 -5.65
N PRO B 177 -7.51 -5.35 -6.72
CA PRO B 177 -8.67 -5.97 -7.37
C PRO B 177 -9.46 -6.92 -6.49
N HIS B 178 -10.70 -6.54 -6.20
CA HIS B 178 -11.51 -7.23 -5.20
C HIS B 178 -12.90 -7.51 -5.74
N GLN B 179 -13.58 -8.45 -5.09
CA GLN B 179 -15.03 -8.50 -5.13
C GLN B 179 -15.56 -8.74 -3.73
N TRP B 180 -16.87 -8.59 -3.59
CA TRP B 180 -17.57 -8.83 -2.34
C TRP B 180 -18.52 -10.01 -2.55
N ILE B 181 -18.27 -11.12 -1.86
CA ILE B 181 -19.19 -12.25 -1.87
C ILE B 181 -20.13 -12.04 -0.69
N ASN B 182 -21.33 -11.56 -0.96
CA ASN B 182 -22.37 -11.44 0.04
C ASN B 182 -23.32 -12.61 -0.14
N LEU B 183 -23.48 -13.42 0.90
CA LEU B 183 -24.33 -14.61 0.82
C LEU B 183 -25.80 -14.28 0.70
N ARG B 184 -26.17 -13.03 0.98
CA ARG B 184 -27.52 -12.55 0.71
C ARG B 184 -27.82 -12.55 -0.78
N THR B 185 -26.90 -12.03 -1.61
CA THR B 185 -27.12 -11.98 -3.05
C THR B 185 -26.10 -12.76 -3.86
N ASN B 186 -24.80 -12.48 -3.70
CA ASN B 186 -23.78 -13.10 -4.54
C ASN B 186 -23.53 -14.55 -4.12
N ASN B 187 -22.87 -15.27 -5.02
CA ASN B 187 -22.57 -16.67 -4.77
C ASN B 187 -21.10 -16.96 -5.10
N CYS B 188 -20.56 -16.23 -6.08
CA CYS B 188 -19.21 -16.48 -6.54
C CYS B 188 -18.55 -15.19 -6.98
N ALA B 189 -17.22 -15.17 -6.91
CA ALA B 189 -16.40 -14.04 -7.33
C ALA B 189 -15.36 -14.53 -8.32
N THR B 190 -15.02 -13.68 -9.28
CA THR B 190 -14.11 -14.06 -10.36
C THR B 190 -13.17 -12.91 -10.66
N ILE B 191 -11.88 -13.13 -10.46
CA ILE B 191 -10.85 -12.11 -10.62
C ILE B 191 -9.85 -12.62 -11.64
N VAL B 192 -9.51 -11.79 -12.61
CA VAL B 192 -8.50 -12.11 -13.61
C VAL B 192 -7.30 -11.20 -13.38
N MET B 193 -6.11 -11.80 -13.25
CA MET B 193 -4.93 -11.07 -12.81
C MET B 193 -3.80 -11.15 -13.83
N PRO B 194 -3.31 -10.03 -14.35
CA PRO B 194 -2.18 -10.06 -15.27
C PRO B 194 -0.86 -10.28 -14.53
N TYR B 195 0.23 -10.23 -15.29
CA TYR B 195 1.56 -10.39 -14.73
C TYR B 195 2.08 -9.03 -14.29
N ILE B 196 2.46 -8.93 -13.02
CA ILE B 196 2.92 -7.67 -12.43
C ILE B 196 4.27 -7.93 -11.79
N ASN B 197 5.33 -7.36 -12.38
CA ASN B 197 6.66 -7.37 -11.79
C ASN B 197 7.44 -6.23 -12.42
N SER B 198 8.56 -5.88 -11.79
CA SER B 198 9.44 -4.87 -12.34
C SER B 198 10.33 -5.43 -13.44
N VAL B 199 10.70 -6.70 -13.35
CA VAL B 199 11.41 -7.40 -14.42
C VAL B 199 10.39 -8.17 -15.25
N PRO B 200 10.65 -8.51 -16.51
CA PRO B 200 9.66 -9.26 -17.28
C PRO B 200 9.53 -10.73 -16.92
N MET B 201 10.61 -11.38 -16.50
CA MET B 201 10.54 -12.76 -16.03
C MET B 201 11.44 -12.92 -14.81
N ASP B 202 10.91 -13.53 -13.77
CA ASP B 202 11.64 -13.77 -12.53
C ASP B 202 11.55 -15.24 -12.19
N ASN B 203 12.43 -15.69 -11.30
CA ASN B 203 12.43 -17.07 -10.85
C ASN B 203 11.17 -17.37 -10.04
N MET B 204 10.55 -18.51 -10.30
CA MET B 204 9.24 -18.80 -9.75
C MET B 204 9.28 -19.49 -8.39
N PHE B 205 10.45 -19.81 -7.87
CA PHE B 205 10.54 -20.35 -6.52
C PHE B 205 10.89 -19.30 -5.48
N ARG B 206 11.65 -18.27 -5.86
CA ARG B 206 12.08 -17.27 -4.89
C ARG B 206 11.05 -16.16 -4.72
N HIS B 207 10.44 -15.71 -5.80
CA HIS B 207 9.60 -14.51 -5.78
C HIS B 207 8.13 -14.92 -5.84
N TYR B 208 7.35 -14.45 -4.87
CA TYR B 208 5.91 -14.62 -4.89
C TYR B 208 5.29 -13.43 -5.61
N ASN B 209 4.47 -13.71 -6.63
CA ASN B 209 3.91 -12.61 -7.41
C ASN B 209 2.83 -11.86 -6.64
N PHE B 210 1.83 -12.57 -6.12
CA PHE B 210 0.78 -11.91 -5.37
C PHE B 210 0.28 -12.85 -4.28
N THR B 211 -0.81 -12.45 -3.62
CA THR B 211 -1.37 -13.21 -2.51
C THR B 211 -2.87 -13.11 -2.58
N LEU B 212 -3.55 -14.24 -2.72
CA LEU B 212 -4.99 -14.28 -2.59
C LEU B 212 -5.36 -14.13 -1.13
N MET B 213 -6.38 -13.35 -0.82
CA MET B 213 -6.83 -13.21 0.56
C MET B 213 -8.34 -13.23 0.63
N ILE B 214 -8.87 -14.02 1.55
CA ILE B 214 -10.31 -14.14 1.76
C ILE B 214 -10.60 -13.86 3.22
N ILE B 215 -11.34 -12.79 3.48
CA ILE B 215 -11.55 -12.29 4.84
C ILE B 215 -13.04 -12.09 5.08
N PRO B 216 -13.63 -12.72 6.09
CA PRO B 216 -15.04 -12.45 6.42
C PRO B 216 -15.23 -11.21 7.27
N PHE B 217 -15.75 -10.14 6.66
CA PHE B 217 -16.12 -8.96 7.43
C PHE B 217 -17.37 -9.20 8.26
N ALA B 218 -18.46 -9.57 7.61
CA ALA B 218 -19.65 -10.03 8.31
C ALA B 218 -19.53 -11.53 8.47
N LYS B 219 -19.56 -12.00 9.72
CA LYS B 219 -19.23 -13.40 9.98
C LYS B 219 -20.39 -14.31 9.62
N LEU B 220 -20.06 -15.59 9.49
CA LEU B 220 -21.06 -16.60 9.19
C LEU B 220 -21.94 -16.81 10.41
N ASP B 221 -23.25 -16.81 10.19
CA ASP B 221 -24.21 -16.69 11.28
C ASP B 221 -25.53 -17.25 10.80
N TYR B 222 -26.19 -18.01 11.66
CA TYR B 222 -27.23 -18.91 11.20
C TYR B 222 -28.13 -19.29 12.37
N ALA B 223 -28.99 -20.28 12.14
CA ALA B 223 -30.02 -20.72 13.08
C ALA B 223 -29.46 -21.62 14.16
N ALA B 224 -30.34 -22.33 14.86
CA ALA B 224 -29.91 -23.35 15.80
C ALA B 224 -30.10 -24.76 15.26
N GLY B 225 -30.42 -24.90 13.97
CA GLY B 225 -30.63 -26.21 13.41
C GLY B 225 -30.03 -26.42 12.04
N SER B 226 -29.45 -25.36 11.46
CA SER B 226 -28.91 -25.45 10.12
C SER B 226 -27.52 -26.10 10.15
N SER B 227 -26.88 -26.13 8.98
CA SER B 227 -25.53 -26.64 8.87
C SER B 227 -24.56 -25.61 9.44
N THR B 228 -23.66 -26.06 10.31
CA THR B 228 -22.78 -25.18 11.08
C THR B 228 -21.54 -24.74 10.30
N TYR B 229 -21.51 -24.94 8.99
CA TYR B 229 -20.26 -25.11 8.29
C TYR B 229 -20.44 -24.98 6.78
N ILE B 230 -19.90 -23.96 6.12
CA ILE B 230 -20.03 -23.94 4.67
C ILE B 230 -18.66 -23.94 3.99
N PRO B 231 -18.51 -24.62 2.86
CA PRO B 231 -17.22 -24.69 2.19
C PRO B 231 -17.04 -23.59 1.16
N ILE B 232 -15.78 -23.32 0.83
CA ILE B 232 -15.39 -22.29 -0.13
C ILE B 232 -14.45 -22.96 -1.13
N THR B 233 -14.90 -23.12 -2.36
CA THR B 233 -14.14 -23.85 -3.37
C THR B 233 -13.36 -22.87 -4.22
N VAL B 234 -12.04 -23.04 -4.25
CA VAL B 234 -11.13 -22.16 -4.97
C VAL B 234 -10.66 -22.86 -6.23
N THR B 235 -10.78 -22.18 -7.37
CA THR B 235 -10.37 -22.75 -8.64
C THR B 235 -9.49 -21.75 -9.36
N VAL B 236 -8.29 -22.18 -9.74
CA VAL B 236 -7.32 -21.30 -10.37
C VAL B 236 -6.88 -21.92 -11.68
N ALA B 237 -6.69 -21.08 -12.69
CA ALA B 237 -6.35 -21.52 -14.03
C ALA B 237 -5.41 -20.52 -14.68
N PRO B 238 -4.18 -20.92 -15.00
CA PRO B 238 -3.24 -19.97 -15.61
C PRO B 238 -3.62 -19.61 -17.04
N MET B 239 -3.19 -18.43 -17.45
CA MET B 239 -3.47 -17.91 -18.78
C MET B 239 -2.18 -17.33 -19.33
N CYS B 240 -1.81 -17.75 -20.55
CA CYS B 240 -0.69 -17.19 -21.31
C CYS B 240 0.63 -17.34 -20.56
N ALA B 241 1.00 -18.57 -20.25
CA ALA B 241 2.24 -18.87 -19.56
C ALA B 241 3.35 -19.20 -20.55
N GLU B 242 4.58 -18.86 -20.18
CA GLU B 242 5.74 -19.14 -21.01
C GLU B 242 7.00 -19.08 -20.17
N TYR B 243 8.08 -19.66 -20.71
CA TYR B 243 9.33 -19.86 -19.98
C TYR B 243 10.48 -19.54 -20.93
N ASN B 244 11.71 -19.89 -20.53
CA ASN B 244 12.87 -19.49 -21.30
C ASN B 244 13.27 -20.50 -22.37
N GLY B 245 13.24 -21.80 -22.07
CA GLY B 245 13.53 -22.81 -23.05
C GLY B 245 15.02 -22.98 -23.33
N LEU B 246 15.39 -24.21 -23.68
CA LEU B 246 16.77 -24.61 -23.85
C LEU B 246 17.02 -25.08 -25.27
N ARG B 247 17.81 -24.30 -26.02
CA ARG B 247 18.28 -24.64 -27.36
C ARG B 247 19.71 -24.11 -27.50
N LEU B 248 20.23 -24.10 -28.72
CA LEU B 248 21.46 -23.38 -29.02
C LEU B 248 21.22 -22.27 -30.03
N GLY B 249 20.68 -22.58 -31.21
CA GLY B 249 20.50 -21.57 -32.24
C GLY B 249 21.65 -21.51 -33.21
N GLY C 1 34.55 40.14 -21.70
CA GLY C 1 33.51 39.49 -22.46
C GLY C 1 32.20 40.26 -22.41
N LEU C 2 31.10 39.54 -22.30
CA LEU C 2 29.79 40.18 -22.23
C LEU C 2 29.58 40.80 -20.85
N PRO C 3 29.03 42.01 -20.77
CA PRO C 3 28.79 42.63 -19.47
C PRO C 3 27.55 42.04 -18.80
N VAL C 4 27.72 41.61 -17.55
CA VAL C 4 26.73 40.84 -16.81
C VAL C 4 26.67 41.37 -15.38
N MET C 5 25.48 41.69 -14.90
CA MET C 5 25.26 42.22 -13.57
C MET C 5 24.55 41.17 -12.73
N ASN C 6 25.04 40.94 -11.52
CA ASN C 6 24.44 39.95 -10.62
C ASN C 6 23.29 40.59 -9.86
N THR C 7 22.11 40.02 -9.98
CA THR C 7 20.94 40.46 -9.24
C THR C 7 20.95 39.81 -7.86
N PRO C 8 20.22 40.38 -6.89
CA PRO C 8 20.09 39.70 -5.60
C PRO C 8 19.31 38.41 -5.72
N GLY C 9 19.53 37.53 -4.76
CA GLY C 9 19.07 36.17 -4.86
C GLY C 9 20.07 35.23 -5.48
N SER C 10 21.28 35.70 -5.74
CA SER C 10 22.33 34.87 -6.32
C SER C 10 23.04 34.07 -5.24
N ASN C 11 23.56 32.91 -5.65
CA ASN C 11 24.35 32.00 -4.82
C ASN C 11 23.61 31.52 -3.58
N GLN C 12 22.29 31.37 -3.69
CA GLN C 12 21.51 30.79 -2.61
C GLN C 12 20.92 29.47 -3.08
N PHE C 13 20.61 28.63 -2.12
CA PHE C 13 19.90 27.39 -2.38
C PHE C 13 18.49 27.55 -1.84
N LEU C 14 17.62 28.08 -2.68
CA LEU C 14 16.19 27.97 -2.42
C LEU C 14 15.79 26.53 -2.61
N THR C 15 14.98 26.01 -1.70
CA THR C 15 14.74 24.57 -1.66
C THR C 15 13.85 24.12 -2.80
N SER C 16 12.95 24.98 -3.26
CA SER C 16 12.10 24.68 -4.42
C SER C 16 12.71 25.24 -5.70
N ASP C 17 13.95 24.83 -5.99
CA ASP C 17 14.59 25.17 -7.25
C ASP C 17 13.90 24.48 -8.42
N ASP C 18 14.16 25.02 -9.61
CA ASP C 18 13.68 24.39 -10.84
C ASP C 18 14.75 24.50 -11.93
N TYR C 19 15.98 24.81 -11.57
CA TYR C 19 17.01 25.07 -12.55
C TYR C 19 17.55 23.76 -13.11
N GLN C 20 18.40 23.88 -14.13
CA GLN C 20 19.08 22.72 -14.66
C GLN C 20 20.20 22.29 -13.72
N SER C 21 20.78 21.13 -14.01
CA SER C 21 21.82 20.58 -13.18
C SER C 21 22.71 19.70 -14.04
N PRO C 22 24.01 19.67 -13.77
CA PRO C 22 24.88 18.73 -14.47
C PRO C 22 24.71 17.32 -13.95
N THR C 23 24.93 16.36 -14.85
CA THR C 23 24.70 14.95 -14.54
C THR C 23 26.00 14.32 -14.05
N ALA C 24 25.91 13.55 -12.97
CA ALA C 24 27.06 12.81 -12.50
C ALA C 24 27.45 11.69 -13.45
N MET C 25 26.47 11.08 -14.10
CA MET C 25 26.69 9.93 -14.97
C MET C 25 26.18 10.21 -16.38
N PRO C 26 26.91 10.98 -17.19
CA PRO C 26 26.63 11.00 -18.62
C PRO C 26 27.25 9.75 -19.23
N GLN C 27 27.00 9.56 -20.52
CA GLN C 27 27.45 8.38 -21.27
C GLN C 27 26.90 7.08 -20.68
N PHE C 28 25.71 7.16 -20.08
CA PHE C 28 25.07 6.03 -19.42
C PHE C 28 23.77 5.72 -20.13
N ASP C 29 23.49 4.43 -20.27
CA ASP C 29 22.31 3.96 -21.00
C ASP C 29 21.24 3.56 -19.99
N VAL C 30 20.18 4.36 -19.92
CA VAL C 30 19.07 4.10 -19.02
C VAL C 30 18.18 3.04 -19.64
N THR C 31 17.84 2.02 -18.86
CA THR C 31 16.99 0.95 -19.37
C THR C 31 15.58 1.47 -19.67
N PRO C 32 15.00 1.07 -20.80
CA PRO C 32 13.78 1.72 -21.27
C PRO C 32 12.56 1.33 -20.44
N GLU C 33 11.55 2.18 -20.51
CA GLU C 33 10.34 1.99 -19.72
C GLU C 33 9.48 0.88 -20.32
N MET C 34 9.10 -0.06 -19.49
CA MET C 34 8.24 -1.18 -19.87
C MET C 34 6.82 -0.87 -19.44
N ASN C 35 5.86 -1.42 -20.18
CA ASN C 35 4.45 -1.22 -19.87
C ASN C 35 4.11 -2.06 -18.64
N ILE C 36 3.98 -1.40 -17.48
CA ILE C 36 3.54 -2.04 -16.25
C ILE C 36 2.11 -1.62 -16.00
N PRO C 37 1.19 -2.55 -15.76
CA PRO C 37 -0.22 -2.18 -15.59
C PRO C 37 -0.47 -1.49 -14.27
N GLY C 38 -1.44 -0.58 -14.29
CA GLY C 38 -1.87 0.08 -13.08
C GLY C 38 -1.18 1.39 -12.82
N GLU C 39 -1.04 2.22 -13.84
CA GLU C 39 -0.28 3.46 -13.71
C GLU C 39 -1.11 4.55 -13.07
N VAL C 40 -0.51 5.26 -12.11
CA VAL C 40 -1.15 6.35 -11.40
C VAL C 40 -0.54 7.65 -11.91
N LYS C 41 -1.36 8.53 -12.45
CA LYS C 41 -0.92 9.86 -12.86
C LYS C 41 -1.59 10.96 -12.05
N ASN C 42 -2.33 10.59 -11.02
CA ASN C 42 -3.14 11.52 -10.24
C ASN C 42 -3.52 10.85 -8.93
N LEU C 43 -3.29 11.51 -7.79
CA LEU C 43 -3.67 10.93 -6.52
C LEU C 43 -5.17 10.86 -6.31
N MET C 44 -5.94 11.67 -7.03
CA MET C 44 -7.38 11.59 -6.94
C MET C 44 -7.99 10.54 -7.85
N GLU C 45 -7.17 9.61 -8.35
CA GLU C 45 -7.67 8.32 -8.80
C GLU C 45 -7.77 7.36 -7.63
N ILE C 46 -6.86 7.49 -6.66
CA ILE C 46 -6.77 6.57 -5.53
C ILE C 46 -7.96 6.78 -4.60
N ALA C 47 -8.33 8.03 -4.36
CA ALA C 47 -9.43 8.33 -3.44
C ALA C 47 -10.80 8.16 -4.07
N GLU C 48 -10.89 7.72 -5.32
CA GLU C 48 -12.17 7.35 -5.92
C GLU C 48 -12.47 5.88 -5.75
N VAL C 49 -11.91 5.25 -4.72
CA VAL C 49 -12.09 3.84 -4.43
C VAL C 49 -12.83 3.73 -3.12
N ASP C 50 -13.93 2.96 -3.13
CA ASP C 50 -14.71 2.75 -1.93
C ASP C 50 -13.89 1.95 -0.91
N SER C 51 -14.10 2.23 0.37
CA SER C 51 -13.37 1.52 1.39
C SER C 51 -14.22 1.47 2.66
N VAL C 52 -14.04 0.40 3.44
CA VAL C 52 -14.89 0.15 4.59
C VAL C 52 -14.55 1.14 5.69
N VAL C 53 -15.57 1.64 6.36
CA VAL C 53 -15.45 2.70 7.37
C VAL C 53 -15.61 2.07 8.74
N PRO C 54 -14.76 2.36 9.69
CA PRO C 54 -14.94 1.76 11.03
C PRO C 54 -15.92 2.55 11.90
N VAL C 55 -17.21 2.40 11.60
CA VAL C 55 -18.24 3.20 12.29
C VAL C 55 -18.41 2.72 13.72
N ASN C 56 -18.31 1.42 13.95
CA ASN C 56 -18.40 0.84 15.29
C ASN C 56 -17.04 0.89 16.00
N ASN C 57 -16.55 2.10 16.23
CA ASN C 57 -15.31 2.29 16.96
C ASN C 57 -15.55 2.61 18.43
N VAL C 58 -16.57 1.97 19.02
CA VAL C 58 -16.72 1.96 20.46
C VAL C 58 -15.49 1.26 21.05
N ASN C 59 -15.06 1.71 22.23
CA ASN C 59 -13.78 1.33 22.81
C ASN C 59 -13.67 -0.17 23.07
N GLU C 60 -12.46 -0.70 22.83
CA GLU C 60 -11.98 -2.08 22.88
C GLU C 60 -12.47 -2.90 21.67
N ASN C 61 -13.37 -2.34 20.86
CA ASN C 61 -13.74 -2.95 19.60
C ASN C 61 -12.84 -2.52 18.45
N VAL C 62 -11.95 -1.56 18.68
CA VAL C 62 -11.10 -1.06 17.62
C VAL C 62 -10.02 -2.07 17.28
N ASN C 63 -9.52 -2.78 18.29
CA ASN C 63 -8.48 -3.79 18.09
C ASN C 63 -9.06 -5.14 17.66
N SER C 64 -9.93 -5.14 16.66
CA SER C 64 -10.59 -6.36 16.20
C SER C 64 -11.14 -6.09 14.81
N LEU C 65 -11.97 -7.01 14.33
CA LEU C 65 -12.66 -6.85 13.06
C LEU C 65 -14.11 -6.44 13.29
N GLU C 66 -14.55 -6.43 14.54
CA GLU C 66 -15.86 -5.96 14.98
C GLU C 66 -16.01 -4.45 14.82
N ALA C 67 -14.91 -3.72 14.61
CA ALA C 67 -14.93 -2.28 14.45
C ALA C 67 -15.67 -1.81 13.21
N TYR C 68 -15.87 -2.69 12.24
CA TYR C 68 -16.55 -2.34 11.01
C TYR C 68 -18.02 -2.72 11.03
N ARG C 69 -18.38 -3.74 11.81
CA ARG C 69 -19.72 -4.31 11.80
C ARG C 69 -20.65 -3.43 12.61
N ILE C 70 -21.72 -2.95 11.99
CA ILE C 70 -22.72 -2.12 12.67
C ILE C 70 -23.87 -3.04 13.09
N PRO C 71 -24.12 -3.23 14.38
CA PRO C 71 -25.13 -4.20 14.81
C PRO C 71 -26.54 -3.67 14.59
N VAL C 72 -27.40 -4.48 13.99
CA VAL C 72 -28.81 -4.16 13.85
C VAL C 72 -29.62 -5.44 14.06
N HIS C 73 -30.72 -5.33 14.78
CA HIS C 73 -31.50 -6.51 15.16
C HIS C 73 -32.96 -6.10 15.32
N SER C 74 -33.75 -6.94 15.97
CA SER C 74 -35.16 -6.65 16.20
C SER C 74 -35.34 -5.84 17.48
N VAL C 75 -36.07 -4.74 17.39
CA VAL C 75 -36.19 -3.76 18.47
C VAL C 75 -37.66 -3.67 18.87
N THR C 76 -37.92 -3.71 20.18
CA THR C 76 -39.29 -3.60 20.69
C THR C 76 -39.83 -2.17 20.62
N GLU C 77 -38.98 -1.17 20.45
CA GLU C 77 -39.44 0.17 20.08
C GLU C 77 -39.42 0.27 18.56
N THR C 78 -39.66 1.47 18.02
CA THR C 78 -39.56 1.63 16.58
C THR C 78 -38.87 2.90 16.13
N GLY C 79 -38.62 3.88 17.00
CA GLY C 79 -38.02 5.11 16.54
C GLY C 79 -36.63 5.32 17.08
N ALA C 80 -35.94 4.23 17.40
CA ALA C 80 -34.60 4.30 17.96
C ALA C 80 -33.59 4.62 16.86
N GLN C 81 -32.32 4.71 17.25
CA GLN C 81 -31.25 5.09 16.33
C GLN C 81 -30.28 3.94 16.20
N VAL C 82 -29.84 3.67 14.96
CA VAL C 82 -28.94 2.56 14.73
C VAL C 82 -27.51 3.06 14.89
N PHE C 83 -27.08 3.97 14.02
CA PHE C 83 -25.77 4.58 14.17
C PHE C 83 -25.82 6.09 13.95
N GLY C 84 -24.64 6.70 13.87
CA GLY C 84 -24.52 8.11 13.63
C GLY C 84 -23.09 8.58 13.80
N PHE C 85 -22.65 9.50 12.96
CA PHE C 85 -21.29 10.04 13.04
C PHE C 85 -21.27 11.41 12.41
N THR C 86 -20.36 12.25 12.89
CA THR C 86 -20.19 13.58 12.32
C THR C 86 -19.55 13.47 10.95
N LEU C 87 -19.95 14.35 10.04
CA LEU C 87 -19.57 14.21 8.64
C LEU C 87 -18.37 15.10 8.37
N GLN C 88 -17.20 14.61 8.78
CA GLN C 88 -15.94 15.34 8.62
C GLN C 88 -14.87 14.38 8.15
N PRO C 89 -14.65 14.28 6.84
CA PRO C 89 -13.67 13.31 6.34
C PRO C 89 -12.22 13.73 6.55
N GLY C 90 -11.70 13.42 7.73
CA GLY C 90 -10.31 13.72 8.05
C GLY C 90 -10.16 14.27 9.44
N ALA C 91 -11.14 15.02 9.92
CA ALA C 91 -11.14 15.48 11.30
C ALA C 91 -11.80 14.48 12.23
N ASP C 92 -12.86 13.83 11.78
CA ASP C 92 -13.58 12.87 12.61
C ASP C 92 -12.75 11.61 12.80
N THR C 93 -12.90 11.00 13.97
CA THR C 93 -12.20 9.75 14.27
C THR C 93 -12.81 8.55 13.56
N VAL C 94 -13.97 8.70 12.91
CA VAL C 94 -14.61 7.57 12.26
C VAL C 94 -13.95 7.28 10.93
N MET C 95 -13.92 8.26 10.02
CA MET C 95 -13.21 8.11 8.76
C MET C 95 -11.86 8.82 8.77
N GLU C 96 -11.19 8.75 9.93
CA GLU C 96 -9.85 9.30 10.09
C GLU C 96 -8.83 8.52 9.28
N ARG C 97 -8.71 7.23 9.54
CA ARG C 97 -7.70 6.38 8.95
C ARG C 97 -8.22 5.68 7.68
N THR C 98 -9.41 6.06 7.24
CA THR C 98 -9.90 5.69 5.92
C THR C 98 -8.96 6.25 4.85
N LEU C 99 -8.83 5.50 3.75
CA LEU C 99 -7.99 5.87 2.60
C LEU C 99 -8.28 7.27 2.09
N LEU C 100 -9.56 7.66 2.06
CA LEU C 100 -9.91 9.04 1.70
C LEU C 100 -9.44 10.03 2.76
N GLY C 101 -9.56 9.67 4.04
CA GLY C 101 -8.99 10.49 5.09
C GLY C 101 -7.48 10.56 5.02
N GLU C 102 -6.84 9.54 4.48
CA GLU C 102 -5.39 9.54 4.37
C GLU C 102 -4.89 10.39 3.21
N ILE C 103 -5.63 10.40 2.10
CA ILE C 103 -5.29 11.36 1.04
C ILE C 103 -5.59 12.78 1.50
N LEU C 104 -6.61 12.96 2.32
CA LEU C 104 -7.03 14.29 2.75
C LEU C 104 -6.30 14.80 3.99
N ASN C 105 -5.46 14.01 4.62
CA ASN C 105 -4.63 14.55 5.69
C ASN C 105 -3.33 15.16 5.20
N TYR C 106 -2.97 14.94 3.93
CA TYR C 106 -1.80 15.56 3.34
C TYR C 106 -2.07 16.93 2.74
N TYR C 107 -3.17 17.57 3.10
CA TYR C 107 -3.49 18.87 2.53
C TYR C 107 -4.20 19.71 3.58
N ALA C 108 -3.93 21.02 3.53
CA ALA C 108 -4.56 21.95 4.45
C ALA C 108 -5.87 22.47 3.92
N ASN C 109 -6.06 22.48 2.61
CA ASN C 109 -7.31 22.89 1.99
C ASN C 109 -7.81 21.78 1.09
N TRP C 110 -9.09 21.48 1.18
CA TRP C 110 -9.71 20.50 0.29
C TRP C 110 -11.18 20.80 0.19
N SER C 111 -11.75 20.49 -0.99
CA SER C 111 -13.18 20.65 -1.19
C SER C 111 -13.67 19.63 -2.21
N GLY C 112 -14.98 19.40 -2.19
CA GLY C 112 -15.60 18.51 -3.14
C GLY C 112 -16.79 17.82 -2.52
N SER C 113 -17.19 16.72 -3.15
CA SER C 113 -18.34 15.93 -2.71
C SER C 113 -17.87 14.66 -2.03
N ILE C 114 -18.82 13.80 -1.68
CA ILE C 114 -18.55 12.56 -0.96
C ILE C 114 -19.70 11.59 -1.16
N LYS C 115 -19.39 10.34 -1.46
CA LYS C 115 -20.37 9.28 -1.56
C LYS C 115 -20.34 8.42 -0.32
N LEU C 116 -21.50 8.06 0.19
CA LEU C 116 -21.62 7.01 1.17
C LEU C 116 -22.33 5.82 0.53
N THR C 117 -22.07 4.64 1.04
CA THR C 117 -22.71 3.43 0.58
C THR C 117 -22.97 2.57 1.79
N PHE C 118 -24.17 2.00 1.89
CA PHE C 118 -24.57 1.22 3.06
C PHE C 118 -25.04 -0.13 2.58
N MET C 119 -24.38 -1.19 3.01
CA MET C 119 -24.70 -2.53 2.54
C MET C 119 -25.20 -3.37 3.70
N TYR C 120 -26.31 -4.07 3.51
CA TYR C 120 -26.90 -4.91 4.54
C TYR C 120 -26.41 -6.34 4.34
N CYS C 121 -25.79 -6.90 5.37
CA CYS C 121 -25.17 -8.22 5.31
C CYS C 121 -25.92 -9.24 6.16
N GLY C 122 -27.24 -9.18 6.14
CA GLY C 122 -28.07 -10.16 6.79
C GLY C 122 -28.50 -11.25 5.84
N SER C 123 -29.52 -11.99 6.26
CA SER C 123 -30.01 -13.10 5.45
C SER C 123 -30.84 -12.59 4.27
N ALA C 124 -31.21 -13.51 3.40
CA ALA C 124 -32.04 -13.19 2.26
C ALA C 124 -33.53 -13.24 2.58
N MET C 125 -33.88 -13.62 3.80
CA MET C 125 -35.27 -13.72 4.22
C MET C 125 -35.73 -12.52 5.04
N ALA C 126 -34.81 -11.78 5.66
CA ALA C 126 -35.17 -10.64 6.47
C ALA C 126 -35.62 -9.47 5.62
N THR C 127 -36.39 -8.57 6.22
CA THR C 127 -36.88 -7.38 5.56
C THR C 127 -37.19 -6.31 6.61
N GLY C 128 -37.13 -5.06 6.19
CA GLY C 128 -37.31 -3.93 7.09
C GLY C 128 -36.98 -2.65 6.38
N LYS C 129 -37.09 -1.55 7.12
CA LYS C 129 -36.89 -0.22 6.58
C LYS C 129 -36.04 0.62 7.51
N PHE C 130 -35.16 1.44 6.94
CA PHE C 130 -34.38 2.39 7.70
C PHE C 130 -34.66 3.80 7.23
N LEU C 131 -34.17 4.77 7.99
CA LEU C 131 -34.36 6.19 7.68
C LEU C 131 -33.00 6.86 7.77
N LEU C 132 -32.38 7.11 6.62
CA LEU C 132 -31.03 7.66 6.56
C LEU C 132 -31.16 9.18 6.45
N ALA C 133 -31.12 9.86 7.59
CA ALA C 133 -31.30 11.30 7.61
C ALA C 133 -29.97 12.02 7.47
N TYR C 134 -30.01 13.17 6.82
CA TYR C 134 -28.83 14.02 6.62
C TYR C 134 -29.10 15.40 7.19
N SER C 135 -28.49 15.68 8.33
CA SER C 135 -28.59 17.00 8.95
C SER C 135 -27.58 17.94 8.31
N PRO C 136 -28.01 19.01 7.65
CA PRO C 136 -27.07 19.92 6.99
C PRO C 136 -26.26 20.69 8.02
N PRO C 137 -25.11 21.28 7.63
CA PRO C 137 -24.30 22.00 8.61
C PRO C 137 -24.98 23.26 9.12
N GLY C 138 -24.88 23.46 10.43
CA GLY C 138 -25.63 24.49 11.09
C GLY C 138 -26.82 23.92 11.82
N ALA C 139 -27.49 22.95 11.19
CA ALA C 139 -28.60 22.27 11.82
C ALA C 139 -28.10 21.26 12.83
N GLY C 140 -28.84 21.08 13.90
CA GLY C 140 -28.45 20.18 14.95
C GLY C 140 -28.73 18.72 14.61
N VAL C 141 -28.46 17.87 15.58
CA VAL C 141 -28.76 16.45 15.46
C VAL C 141 -30.20 16.25 15.93
N PRO C 142 -31.04 15.57 15.16
CA PRO C 142 -32.39 15.29 15.64
C PRO C 142 -32.37 14.23 16.72
N LYS C 143 -33.36 14.30 17.61
CA LYS C 143 -33.50 13.33 18.68
C LYS C 143 -34.65 12.37 18.46
N ASN C 144 -35.40 12.52 17.38
CA ASN C 144 -36.56 11.69 17.12
C ASN C 144 -36.47 11.13 15.72
N ARG C 145 -37.23 10.05 15.49
CA ARG C 145 -37.50 9.64 14.12
C ARG C 145 -38.31 10.70 13.39
N ARG C 146 -39.24 11.34 14.10
CA ARG C 146 -40.12 12.32 13.48
C ARG C 146 -39.38 13.62 13.16
N GLU C 147 -38.45 14.03 14.01
CA GLU C 147 -37.67 15.23 13.72
C GLU C 147 -36.69 14.99 12.58
N ALA C 148 -36.17 13.77 12.47
CA ALA C 148 -35.33 13.41 11.33
C ALA C 148 -36.14 13.22 10.07
N MET C 149 -37.46 12.97 10.19
CA MET C 149 -38.29 12.72 9.02
C MET C 149 -38.62 14.00 8.27
N LEU C 150 -38.85 15.10 9.00
CA LEU C 150 -39.13 16.37 8.35
C LEU C 150 -37.89 16.99 7.70
N GLY C 151 -36.70 16.49 7.97
CA GLY C 151 -35.49 16.95 7.31
C GLY C 151 -35.29 16.24 5.99
N THR C 152 -34.04 16.13 5.57
CA THR C 152 -33.69 15.38 4.37
C THR C 152 -33.42 13.93 4.76
N HIS C 153 -34.23 13.02 4.24
CA HIS C 153 -34.14 11.61 4.60
C HIS C 153 -34.33 10.77 3.36
N ILE C 154 -34.05 9.48 3.51
CA ILE C 154 -34.35 8.49 2.49
C ILE C 154 -34.76 7.20 3.19
N ILE C 155 -35.84 6.59 2.74
CA ILE C 155 -36.31 5.33 3.29
C ILE C 155 -35.75 4.19 2.45
N TRP C 156 -34.95 3.34 3.08
CA TRP C 156 -34.22 2.29 2.40
C TRP C 156 -34.75 0.94 2.81
N ASP C 157 -35.48 0.29 1.91
CA ASP C 157 -36.12 -0.98 2.16
C ASP C 157 -35.11 -2.10 2.00
N ILE C 158 -34.95 -2.93 3.05
CA ILE C 158 -34.02 -4.04 3.03
C ILE C 158 -34.42 -5.08 1.99
N GLY C 159 -35.70 -5.39 1.94
CA GLY C 159 -36.19 -6.53 1.17
C GLY C 159 -36.15 -6.37 -0.33
N LEU C 160 -35.73 -5.21 -0.86
CA LEU C 160 -35.61 -5.08 -2.29
C LEU C 160 -34.38 -4.29 -2.72
N GLN C 161 -33.51 -3.88 -1.81
CA GLN C 161 -32.31 -3.14 -2.19
C GLN C 161 -31.28 -3.38 -1.09
N SER C 162 -30.25 -4.17 -1.39
CA SER C 162 -29.22 -4.51 -0.42
C SER C 162 -28.14 -3.45 -0.28
N SER C 163 -28.18 -2.40 -1.10
CA SER C 163 -27.19 -1.34 -1.01
C SER C 163 -27.82 -0.02 -1.43
N CYS C 164 -27.77 0.97 -0.56
CA CYS C 164 -28.20 2.31 -0.88
C CYS C 164 -27.00 3.23 -0.93
N VAL C 165 -26.94 4.08 -1.94
CA VAL C 165 -25.82 4.99 -2.19
C VAL C 165 -26.31 6.41 -1.98
N LEU C 166 -25.58 7.19 -1.17
CA LEU C 166 -26.03 8.49 -0.70
C LEU C 166 -24.95 9.52 -0.97
N CYS C 167 -24.98 10.13 -2.15
CA CYS C 167 -23.99 11.12 -2.56
C CYS C 167 -24.28 12.44 -1.84
N VAL C 168 -23.52 12.71 -0.78
CA VAL C 168 -23.75 13.90 0.05
C VAL C 168 -23.26 15.14 -0.71
N PRO C 169 -24.08 16.23 -0.78
CA PRO C 169 -23.62 17.46 -1.46
C PRO C 169 -22.60 18.23 -0.65
N TRP C 170 -22.32 19.46 -1.14
CA TRP C 170 -21.07 20.22 -0.93
C TRP C 170 -20.56 20.21 0.50
N ILE C 171 -19.34 19.73 0.66
CA ILE C 171 -18.67 19.63 1.95
C ILE C 171 -17.25 20.15 1.77
N SER C 172 -16.72 20.81 2.80
CA SER C 172 -15.41 21.42 2.66
C SER C 172 -14.77 21.57 4.03
N GLN C 173 -13.45 21.67 4.02
CA GLN C 173 -12.70 22.29 5.10
C GLN C 173 -11.83 23.32 4.40
N THR C 174 -12.28 24.57 4.43
CA THR C 174 -11.59 25.74 3.88
C THR C 174 -11.33 25.56 2.38
N HIS C 175 -12.46 25.59 1.64
CA HIS C 175 -12.53 25.52 0.17
C HIS C 175 -11.48 26.28 -0.64
N ASP C 186 -18.17 21.85 11.99
CA ASP C 186 -19.53 21.34 11.87
C ASP C 186 -19.93 21.33 10.40
N ALA C 187 -19.77 20.18 9.75
CA ALA C 187 -20.09 20.05 8.34
C ALA C 187 -21.33 19.23 8.07
N GLY C 188 -21.89 18.57 9.07
CA GLY C 188 -23.11 17.81 8.85
C GLY C 188 -23.13 16.59 9.75
N PHE C 189 -24.19 15.82 9.60
CA PHE C 189 -24.37 14.58 10.34
C PHE C 189 -25.06 13.57 9.44
N ILE C 190 -24.79 12.30 9.70
CA ILE C 190 -25.48 11.19 9.05
C ILE C 190 -25.99 10.29 10.15
N THR C 191 -27.31 10.23 10.32
CA THR C 191 -27.91 9.39 11.33
C THR C 191 -28.77 8.32 10.67
N CYS C 192 -28.98 7.22 11.39
CA CYS C 192 -29.75 6.09 10.89
C CYS C 192 -30.78 5.68 11.92
N TRP C 193 -32.05 5.78 11.56
CA TRP C 193 -33.16 5.55 12.47
C TRP C 193 -33.93 4.31 12.04
N TYR C 194 -34.45 3.58 13.02
CA TYR C 194 -35.39 2.52 12.69
C TYR C 194 -36.69 3.13 12.19
N GLN C 195 -37.29 2.46 11.21
CA GLN C 195 -38.65 2.76 10.80
C GLN C 195 -39.60 1.63 11.19
N THR C 196 -39.29 0.42 10.77
CA THR C 196 -39.94 -0.79 11.21
C THR C 196 -38.89 -1.73 11.81
N SER C 197 -39.36 -2.73 12.53
CA SER C 197 -38.46 -3.77 12.99
C SER C 197 -38.07 -4.67 11.81
N ILE C 198 -37.08 -5.51 12.04
CA ILE C 198 -36.62 -6.45 11.02
C ILE C 198 -37.42 -7.75 11.17
N VAL C 199 -38.29 -8.00 10.21
CA VAL C 199 -39.20 -9.14 10.26
C VAL C 199 -38.46 -10.36 9.74
N VAL C 200 -38.54 -11.45 10.49
CA VAL C 200 -37.70 -12.62 10.24
C VAL C 200 -38.59 -13.86 10.29
N PRO C 201 -38.41 -14.84 9.41
CA PRO C 201 -39.15 -16.09 9.54
C PRO C 201 -38.51 -16.99 10.58
N ALA C 202 -39.06 -18.19 10.72
CA ALA C 202 -38.50 -19.15 11.66
C ALA C 202 -37.19 -19.71 11.13
N GLU C 203 -36.33 -20.14 12.06
CA GLU C 203 -35.03 -20.75 11.79
C GLU C 203 -34.11 -19.83 10.99
N VAL C 204 -34.23 -18.53 11.19
CA VAL C 204 -33.34 -17.53 10.61
C VAL C 204 -32.90 -16.61 11.74
N GLN C 205 -31.60 -16.35 11.83
CA GLN C 205 -31.06 -15.63 12.97
C GLN C 205 -31.42 -14.14 12.89
N ASN C 206 -31.61 -13.55 14.07
CA ASN C 206 -32.12 -12.18 14.23
C ASN C 206 -31.03 -11.12 14.09
N GLN C 207 -29.86 -11.36 14.67
CA GLN C 207 -28.76 -10.39 14.64
C GLN C 207 -28.18 -10.27 13.24
N SER C 208 -27.98 -9.03 12.78
CA SER C 208 -27.45 -8.78 11.44
C SER C 208 -26.51 -7.57 11.50
N VAL C 209 -26.03 -7.14 10.32
CA VAL C 209 -24.86 -6.27 10.19
C VAL C 209 -25.08 -5.34 9.01
N ILE C 210 -24.67 -4.06 9.17
CA ILE C 210 -24.54 -3.12 8.07
C ILE C 210 -23.06 -2.73 7.98
N LEU C 211 -22.54 -2.53 6.76
CA LEU C 211 -21.18 -2.04 6.58
C LEU C 211 -21.19 -0.81 5.68
N CYS C 212 -20.33 0.17 5.99
CA CYS C 212 -20.27 1.41 5.24
C CYS C 212 -19.14 1.41 4.23
N PHE C 213 -19.25 2.32 3.26
CA PHE C 213 -18.23 2.53 2.25
C PHE C 213 -18.24 4.01 1.93
N VAL C 214 -17.07 4.54 1.57
CA VAL C 214 -16.97 5.97 1.27
C VAL C 214 -15.92 6.19 0.19
N SER C 215 -16.21 7.12 -0.72
CA SER C 215 -15.25 7.60 -1.69
C SER C 215 -15.68 8.98 -2.14
N ALA C 216 -14.78 9.66 -2.83
CA ALA C 216 -15.07 11.00 -3.30
C ALA C 216 -15.78 10.94 -4.66
N CYS C 217 -16.19 12.10 -5.13
CA CYS C 217 -16.68 12.24 -6.49
C CYS C 217 -15.58 12.86 -7.35
N ASN C 218 -15.92 13.16 -8.60
CA ASN C 218 -14.94 13.60 -9.58
C ASN C 218 -14.66 15.10 -9.52
N ASP C 219 -15.22 15.81 -8.55
CA ASP C 219 -15.11 17.26 -8.43
C ASP C 219 -14.31 17.68 -7.20
N PHE C 220 -13.27 16.91 -6.87
CA PHE C 220 -12.61 17.05 -5.59
C PHE C 220 -11.25 17.69 -5.81
N SER C 221 -10.97 18.77 -5.09
CA SER C 221 -9.74 19.52 -5.28
C SER C 221 -9.05 19.74 -3.95
N VAL C 222 -7.73 19.96 -4.04
CA VAL C 222 -6.87 20.27 -2.90
C VAL C 222 -5.92 21.39 -3.33
N ARG C 223 -5.41 22.15 -2.37
CA ARG C 223 -4.71 23.38 -2.72
C ARG C 223 -3.34 23.58 -2.08
N LEU C 224 -3.01 22.88 -0.98
CA LEU C 224 -1.76 23.22 -0.30
C LEU C 224 -1.26 22.01 0.49
N LEU C 225 -0.12 21.46 0.07
CA LEU C 225 0.47 20.26 0.64
C LEU C 225 1.15 20.58 1.97
N ARG C 226 1.15 19.60 2.87
CA ARG C 226 1.81 19.74 4.16
C ARG C 226 2.26 18.37 4.64
N ASP C 227 2.79 18.33 5.85
CA ASP C 227 3.20 17.08 6.46
C ASP C 227 2.02 16.42 7.15
N SER C 228 2.04 15.11 7.18
CA SER C 228 0.89 14.39 7.73
C SER C 228 0.98 14.33 9.25
N PRO C 229 -0.14 14.47 9.94
CA PRO C 229 -0.13 14.46 11.42
C PRO C 229 -0.03 13.08 12.06
N PHE C 230 0.27 12.03 11.30
CA PHE C 230 0.25 10.68 11.82
C PHE C 230 1.61 10.02 11.91
N VAL C 231 2.57 10.46 11.10
CA VAL C 231 3.93 9.95 11.19
C VAL C 231 4.68 10.78 12.21
N ARG C 232 5.19 10.12 13.24
CA ARG C 232 5.96 10.77 14.29
C ARG C 232 7.38 10.23 14.24
N GLN C 233 8.35 11.13 14.26
CA GLN C 233 9.75 10.74 14.10
C GLN C 233 10.27 10.04 15.35
N THR C 234 11.07 9.00 15.14
CA THR C 234 11.71 8.29 16.24
C THR C 234 12.82 9.13 16.86
#